data_5Y1I
#
_entry.id   5Y1I
#
_cell.length_a   67.080
_cell.length_b   102.870
_cell.length_c   114.430
_cell.angle_alpha   90.00
_cell.angle_beta   90.00
_cell.angle_gamma   90.00
#
_symmetry.space_group_name_H-M   'P 21 21 21'
#
loop_
_entity.id
_entity.type
_entity.pdbx_description
1 polymer 'Cytochrome P450'
2 non-polymer 'PROTOPORPHYRIN IX CONTAINING FE'
3 non-polymer DI(HYDROXYETHYL)ETHER
4 non-polymer 'TRIETHYLENE GLYCOL'
5 water water
#
_entity_poly.entity_id   1
_entity_poly.type   'polypeptide(L)'
_entity_poly.pdbx_seq_one_letter_code
;GSHMAPEWPMKRDTGCPFDPPPGVRKLLAEKPLSRARIWDGSTPWVVTRHADQRALLSDPRVSHDGLRDGYPHISADFKF
LSMAQPSFAGQDDPEHGRIRRMVTLPFTARRIEAMRPAIQKITDELIDGMLAGPKPVDLVEALALPVPVRVICEMLGVPY
EDREFLQQNNNAMIYRDTAQGDAQKAAIAQAMYLKELVGTKLGDRGDDILSDLAVQVEAGEITQDDAAGIGMMLLGAGHE
TTANMIALGTLALLENPEQLAEVRDSDDPKVIVNTVEELLRYLTIAQDTVRRIAAEDIEIGGVVIKAGEGIVFPLNAANW
DPDLYPEAPDRLDIHRANARRHLAFGYGVHQCLGATLARVELQIVYSTLLRRIPTLALAGTLDEIPFKHDQIAHGVYELP
VTW
;
_entity_poly.pdbx_strand_id   A,B
#
loop_
_chem_comp.id
_chem_comp.type
_chem_comp.name
_chem_comp.formula
HEM non-polymer 'PROTOPORPHYRIN IX CONTAINING FE' 'C34 H32 Fe N4 O4'
PEG non-polymer DI(HYDROXYETHYL)ETHER 'C4 H10 O3'
PGE non-polymer 'TRIETHYLENE GLYCOL' 'C6 H14 O4'
#
# COMPACT_ATOMS: atom_id res chain seq x y z
N ALA A 5 3.79 -36.90 -26.91
CA ALA A 5 3.14 -35.57 -26.69
C ALA A 5 4.11 -34.73 -25.85
N PRO A 6 4.55 -33.57 -26.38
CA PRO A 6 5.42 -32.74 -25.55
C PRO A 6 4.71 -32.25 -24.30
N GLU A 7 5.48 -31.89 -23.29
CA GLU A 7 4.91 -31.37 -22.03
C GLU A 7 4.47 -29.91 -22.26
N TRP A 8 3.47 -29.46 -21.53
CA TRP A 8 3.04 -28.06 -21.63
C TRP A 8 2.77 -27.47 -20.25
N PRO A 9 3.31 -26.26 -19.95
CA PRO A 9 3.99 -25.31 -20.87
C PRO A 9 5.41 -25.73 -21.19
N MET A 10 5.94 -25.27 -22.30
CA MET A 10 7.30 -25.72 -22.73
C MET A 10 8.53 -25.00 -22.12
N THR A 14 15.03 -17.90 -22.44
CA THR A 14 15.33 -17.19 -21.18
C THR A 14 16.15 -15.91 -21.39
N GLY A 15 17.12 -15.96 -22.31
CA GLY A 15 17.87 -14.81 -22.75
C GLY A 15 17.16 -14.07 -23.89
N CYS A 16 15.98 -14.52 -24.26
CA CYS A 16 15.07 -13.69 -25.03
C CYS A 16 13.77 -13.62 -24.24
N PRO A 17 13.80 -12.94 -23.08
CA PRO A 17 12.74 -13.23 -22.11
C PRO A 17 11.39 -12.72 -22.48
N PHE A 18 11.32 -11.78 -23.43
CA PHE A 18 10.02 -11.24 -23.87
C PHE A 18 9.31 -12.24 -24.80
N ASP A 19 10.11 -13.08 -25.47
CA ASP A 19 9.65 -13.95 -26.55
C ASP A 19 8.93 -15.17 -26.03
N PRO A 20 7.90 -15.64 -26.77
CA PRO A 20 7.32 -16.91 -26.42
C PRO A 20 8.36 -18.01 -26.42
N PRO A 21 8.07 -19.13 -25.72
CA PRO A 21 8.99 -20.28 -25.65
C PRO A 21 9.31 -20.78 -27.06
N PRO A 22 10.55 -21.25 -27.30
CA PRO A 22 10.97 -21.64 -28.62
C PRO A 22 10.08 -22.72 -29.22
N GLY A 23 9.78 -23.74 -28.42
CA GLY A 23 8.89 -24.84 -28.85
C GLY A 23 7.54 -24.35 -29.33
N VAL A 24 7.04 -23.30 -28.69
CA VAL A 24 5.79 -22.65 -29.11
C VAL A 24 5.90 -22.01 -30.50
N ARG A 25 7.00 -21.31 -30.78
CA ARG A 25 7.24 -20.76 -32.14
C ARG A 25 7.38 -21.85 -33.19
N LYS A 26 7.98 -22.97 -32.80
CA LYS A 26 8.12 -24.14 -33.68
C LYS A 26 6.74 -24.73 -34.05
N LEU A 27 5.91 -24.98 -33.04
CA LEU A 27 4.53 -25.42 -33.28
C LEU A 27 3.78 -24.50 -34.19
N LEU A 28 3.91 -23.21 -33.93
CA LEU A 28 3.15 -22.22 -34.66
C LEU A 28 3.56 -22.35 -36.12
N ALA A 29 4.86 -22.42 -36.37
CA ALA A 29 5.41 -22.59 -37.72
C ALA A 29 5.04 -23.94 -38.36
N GLU A 30 5.06 -25.06 -37.62
CA GLU A 30 4.89 -26.32 -38.30
C GLU A 30 3.80 -27.27 -37.80
N LYS A 31 3.19 -27.02 -36.65
CA LYS A 31 2.06 -27.83 -36.23
C LYS A 31 1.02 -26.96 -35.55
N PRO A 32 0.21 -26.28 -36.33
CA PRO A 32 -0.84 -25.38 -35.90
C PRO A 32 -1.77 -25.98 -34.84
N LEU A 33 -2.08 -27.27 -35.01
CA LEU A 33 -2.95 -28.00 -34.10
C LEU A 33 -2.24 -29.29 -33.68
N SER A 34 -2.06 -29.47 -32.38
CA SER A 34 -1.36 -30.62 -31.84
C SER A 34 -1.82 -30.84 -30.41
N ARG A 35 -1.36 -31.93 -29.82
CA ARG A 35 -1.69 -32.28 -28.46
C ARG A 35 -0.47 -32.09 -27.62
N ALA A 36 -0.71 -31.76 -26.36
CA ALA A 36 0.36 -31.58 -25.41
C ALA A 36 -0.10 -32.07 -24.10
N ARG A 37 0.81 -32.63 -23.35
CA ARG A 37 0.45 -33.08 -22.03
C ARG A 37 0.63 -31.98 -20.98
N ILE A 38 -0.43 -31.70 -20.23
CA ILE A 38 -0.40 -30.70 -19.17
C ILE A 38 -0.27 -31.37 -17.79
N TRP A 39 -0.19 -30.52 -16.76
CA TRP A 39 0.11 -30.90 -15.39
C TRP A 39 -0.76 -32.05 -14.91
N ASP A 40 -1.98 -32.16 -15.40
CA ASP A 40 -2.85 -33.22 -14.87
C ASP A 40 -2.78 -34.47 -15.72
N GLY A 41 -1.83 -34.54 -16.63
CA GLY A 41 -1.67 -35.73 -17.46
C GLY A 41 -2.58 -35.84 -18.68
N SER A 42 -3.65 -35.08 -18.74
CA SER A 42 -4.47 -34.99 -19.94
C SER A 42 -3.64 -34.38 -21.03
N THR A 43 -4.02 -34.66 -22.27
CA THR A 43 -3.35 -34.07 -23.42
C THR A 43 -4.28 -33.27 -24.29
N PRO A 44 -4.65 -32.05 -23.86
CA PRO A 44 -5.51 -31.24 -24.71
C PRO A 44 -4.89 -30.79 -25.99
N TRP A 45 -5.71 -30.22 -26.86
CA TRP A 45 -5.24 -29.62 -28.05
C TRP A 45 -4.61 -28.27 -27.79
N VAL A 46 -3.57 -27.96 -28.54
CA VAL A 46 -2.95 -26.65 -28.52
C VAL A 46 -3.19 -26.00 -29.87
N VAL A 47 -3.80 -24.81 -29.84
CA VAL A 47 -4.21 -24.06 -31.04
C VAL A 47 -3.40 -22.78 -31.19
N THR A 48 -2.46 -22.78 -32.14
CA THR A 48 -1.49 -21.75 -32.25
C THR A 48 -1.83 -20.59 -33.20
N ARG A 49 -2.68 -20.82 -34.19
CA ARG A 49 -2.93 -19.84 -35.23
C ARG A 49 -3.99 -18.87 -34.86
N HIS A 50 -3.76 -17.63 -35.24
CA HIS A 50 -4.64 -16.56 -34.87
C HIS A 50 -6.04 -16.89 -35.39
N ALA A 51 -6.10 -17.22 -36.67
CA ALA A 51 -7.36 -17.59 -37.37
C ALA A 51 -8.18 -18.71 -36.67
N ASP A 52 -7.49 -19.75 -36.28
CA ASP A 52 -8.08 -20.89 -35.59
C ASP A 52 -8.54 -20.56 -34.14
N GLN A 53 -7.79 -19.71 -33.44
CA GLN A 53 -8.22 -19.24 -32.12
C GLN A 53 -9.48 -18.48 -32.26
N ARG A 54 -9.54 -17.57 -33.22
CA ARG A 54 -10.80 -16.90 -33.48
C ARG A 54 -11.97 -17.79 -33.85
N ALA A 55 -11.69 -18.80 -34.67
CA ALA A 55 -12.66 -19.76 -35.07
C ALA A 55 -13.23 -20.52 -33.88
N LEU A 56 -12.34 -21.01 -33.02
CA LEU A 56 -12.78 -21.86 -31.94
C LEU A 56 -13.44 -21.07 -30.84
N LEU A 57 -12.86 -19.90 -30.54
CA LEU A 57 -13.29 -19.12 -29.42
C LEU A 57 -14.67 -18.54 -29.65
N SER A 58 -15.08 -18.42 -30.90
CA SER A 58 -16.39 -17.93 -31.22
C SER A 58 -17.34 -19.06 -31.68
N ASP A 59 -16.95 -20.30 -31.48
CA ASP A 59 -17.76 -21.47 -31.92
C ASP A 59 -18.62 -21.87 -30.72
N PRO A 60 -19.96 -21.93 -30.85
CA PRO A 60 -20.76 -22.30 -29.66
C PRO A 60 -20.58 -23.73 -29.17
N ARG A 61 -19.86 -24.55 -29.92
CA ARG A 61 -19.51 -25.88 -29.49
C ARG A 61 -18.38 -25.89 -28.48
N VAL A 62 -17.74 -24.75 -28.29
CA VAL A 62 -16.63 -24.59 -27.38
C VAL A 62 -17.15 -24.03 -26.04
N SER A 63 -16.87 -24.70 -24.95
CA SER A 63 -17.42 -24.38 -23.63
C SER A 63 -16.33 -23.94 -22.64
N HIS A 64 -16.68 -23.01 -21.78
CA HIS A 64 -15.77 -22.51 -20.77
C HIS A 64 -16.14 -23.14 -19.39
N ASP A 65 -16.84 -24.26 -19.36
CA ASP A 65 -17.40 -24.77 -18.11
C ASP A 65 -16.37 -25.64 -17.45
N GLY A 66 -15.70 -25.08 -16.46
CA GLY A 66 -14.60 -25.77 -15.79
C GLY A 66 -14.95 -26.92 -14.83
N LEU A 67 -16.24 -27.13 -14.60
CA LEU A 67 -16.73 -28.31 -13.88
C LEU A 67 -16.71 -29.56 -14.76
N ARG A 68 -16.76 -29.39 -16.07
CA ARG A 68 -16.75 -30.52 -17.00
C ARG A 68 -15.47 -31.33 -16.94
N ASP A 69 -15.62 -32.65 -16.96
CA ASP A 69 -14.51 -33.58 -17.04
C ASP A 69 -13.72 -33.40 -18.33
N GLY A 70 -12.42 -33.26 -18.20
CA GLY A 70 -11.59 -33.02 -19.37
C GLY A 70 -11.08 -31.59 -19.49
N TYR A 71 -11.75 -30.66 -18.79
CA TYR A 71 -11.46 -29.24 -18.94
C TYR A 71 -9.97 -29.00 -18.64
N PRO A 72 -9.23 -28.30 -19.53
CA PRO A 72 -7.80 -28.20 -19.29
C PRO A 72 -7.45 -26.98 -18.42
N HIS A 73 -7.69 -27.14 -17.11
CA HIS A 73 -7.32 -26.15 -16.12
C HIS A 73 -5.84 -25.81 -16.20
N ILE A 74 -5.52 -24.58 -15.85
CA ILE A 74 -4.14 -24.06 -16.00
C ILE A 74 -3.19 -24.80 -15.10
N SER A 75 -3.70 -25.12 -13.93
CA SER A 75 -2.92 -25.73 -12.87
C SER A 75 -3.91 -26.31 -11.84
N ALA A 76 -3.37 -27.13 -10.95
CA ALA A 76 -4.17 -27.74 -9.87
C ALA A 76 -4.96 -26.71 -9.03
N ASP A 77 -4.35 -25.58 -8.72
CA ASP A 77 -5.03 -24.54 -7.89
C ASP A 77 -6.23 -23.93 -8.56
N PHE A 78 -6.07 -23.64 -9.85
CA PHE A 78 -7.20 -23.22 -10.66
C PHE A 78 -8.27 -24.29 -10.72
N LYS A 79 -7.84 -25.54 -10.74
CA LYS A 79 -8.81 -26.62 -10.73
C LYS A 79 -9.63 -26.54 -9.44
N PHE A 80 -8.97 -26.19 -8.33
CA PHE A 80 -9.66 -26.21 -7.04
C PHE A 80 -10.75 -25.15 -6.98
N LEU A 81 -10.37 -23.91 -7.22
CA LEU A 81 -11.32 -22.80 -7.25
C LEU A 81 -12.68 -23.22 -7.76
N SER A 82 -12.66 -23.71 -8.98
CA SER A 82 -13.73 -24.54 -9.54
C SER A 82 -14.15 -25.65 -8.58
N PHE A 88 -18.89 -15.78 -12.92
CA PHE A 88 -19.43 -15.80 -14.29
C PHE A 88 -18.39 -16.04 -15.40
N ALA A 89 -17.13 -15.72 -15.15
CA ALA A 89 -16.09 -15.97 -16.16
C ALA A 89 -15.83 -17.47 -16.48
N GLY A 90 -16.30 -18.37 -15.63
CA GLY A 90 -16.06 -19.82 -15.80
C GLY A 90 -17.35 -20.56 -16.13
N GLN A 91 -18.24 -19.87 -16.81
CA GLN A 91 -19.54 -20.42 -17.13
C GLN A 91 -19.88 -20.17 -18.57
N ASP A 92 -20.89 -20.90 -19.03
CA ASP A 92 -21.48 -20.70 -20.35
C ASP A 92 -22.74 -19.88 -20.29
N ASP A 93 -23.13 -19.37 -21.46
CA ASP A 93 -24.42 -18.75 -21.59
C ASP A 93 -25.44 -19.84 -21.37
N PRO A 94 -26.58 -19.50 -20.84
CA PRO A 94 -27.05 -18.15 -20.61
C PRO A 94 -26.58 -17.49 -19.30
N GLU A 95 -26.07 -18.24 -18.33
CA GLU A 95 -25.80 -17.59 -17.05
C GLU A 95 -24.63 -16.62 -17.15
N HIS A 96 -23.64 -16.96 -17.98
CA HIS A 96 -22.48 -16.08 -18.20
C HIS A 96 -22.95 -14.74 -18.64
N GLY A 97 -23.71 -14.67 -19.71
CA GLY A 97 -24.19 -13.38 -20.17
C GLY A 97 -25.17 -12.65 -19.23
N ARG A 98 -26.04 -13.39 -18.52
CA ARG A 98 -26.93 -12.80 -17.52
C ARG A 98 -26.16 -12.00 -16.46
N ILE A 99 -25.04 -12.54 -16.03
CA ILE A 99 -24.22 -11.87 -15.06
C ILE A 99 -23.36 -10.75 -15.71
N ARG A 100 -22.80 -11.05 -16.89
CA ARG A 100 -21.92 -10.07 -17.55
C ARG A 100 -22.71 -8.82 -17.88
N ARG A 101 -23.97 -8.98 -18.27
CA ARG A 101 -24.82 -7.84 -18.60
C ARG A 101 -24.96 -6.89 -17.46
N MET A 102 -24.89 -7.39 -16.24
CA MET A 102 -25.07 -6.50 -15.06
C MET A 102 -23.86 -5.59 -14.79
N VAL A 103 -22.70 -5.90 -15.37
CA VAL A 103 -21.49 -5.11 -15.16
C VAL A 103 -20.87 -4.66 -16.47
N THR A 104 -21.67 -4.51 -17.49
CA THR A 104 -21.22 -4.16 -18.81
C THR A 104 -21.13 -2.69 -18.98
N LEU A 105 -22.13 -1.97 -18.54
CA LEU A 105 -22.16 -0.50 -18.82
C LEU A 105 -20.95 0.31 -18.34
N PRO A 106 -20.44 0.07 -17.10
CA PRO A 106 -19.30 0.83 -16.62
C PRO A 106 -18.02 0.60 -17.39
N PHE A 107 -17.98 -0.43 -18.25
CA PHE A 107 -16.78 -0.74 -19.02
C PHE A 107 -16.85 -0.36 -20.47
N THR A 108 -17.95 0.27 -20.84
CA THR A 108 -18.19 0.71 -22.20
C THR A 108 -17.29 1.91 -22.54
N ALA A 109 -17.06 2.15 -23.82
CA ALA A 109 -16.12 3.22 -24.25
C ALA A 109 -16.36 4.56 -23.59
N ARG A 110 -17.61 4.97 -23.51
CA ARG A 110 -17.89 6.29 -23.08
C ARG A 110 -17.56 6.37 -21.61
N ARG A 111 -17.97 5.37 -20.88
CA ARG A 111 -17.75 5.39 -19.47
C ARG A 111 -16.28 5.31 -19.15
N ILE A 112 -15.48 4.63 -19.98
CA ILE A 112 -14.05 4.57 -19.70
C ILE A 112 -13.37 5.87 -20.09
N GLU A 113 -13.78 6.47 -21.21
CA GLU A 113 -13.32 7.83 -21.52
C GLU A 113 -13.56 8.83 -20.35
N ALA A 114 -14.70 8.68 -19.72
CA ALA A 114 -15.07 9.49 -18.55
C ALA A 114 -14.22 9.22 -17.27
N MET A 115 -13.61 8.04 -17.17
CA MET A 115 -12.63 7.72 -16.15
C MET A 115 -11.26 8.34 -16.38
N ARG A 116 -10.99 8.95 -17.54
CA ARG A 116 -9.61 9.38 -17.81
C ARG A 116 -9.08 10.35 -16.72
N PRO A 117 -9.87 11.37 -16.31
CA PRO A 117 -9.34 12.20 -15.22
C PRO A 117 -8.98 11.45 -13.94
N ALA A 118 -9.80 10.51 -13.50
CA ALA A 118 -9.52 9.76 -12.30
C ALA A 118 -8.28 8.86 -12.46
N ILE A 119 -8.09 8.30 -13.65
CA ILE A 119 -6.95 7.42 -13.86
C ILE A 119 -5.67 8.30 -13.92
N GLN A 120 -5.78 9.41 -14.62
CA GLN A 120 -4.73 10.44 -14.66
C GLN A 120 -4.31 10.99 -13.28
N LYS A 121 -5.25 11.19 -12.36
CA LYS A 121 -4.89 11.65 -11.05
C LYS A 121 -4.18 10.58 -10.22
N ILE A 122 -4.67 9.38 -10.27
CA ILE A 122 -4.04 8.28 -9.62
C ILE A 122 -2.59 8.15 -10.13
N THR A 123 -2.42 8.24 -11.43
CA THR A 123 -1.12 8.03 -12.02
C THR A 123 -0.20 9.14 -11.57
N ASP A 124 -0.64 10.40 -11.70
CA ASP A 124 0.21 11.53 -11.35
C ASP A 124 0.62 11.51 -9.89
N GLU A 125 -0.28 11.10 -8.99
CA GLU A 125 0.06 10.99 -7.56
C GLU A 125 1.16 9.99 -7.33
N LEU A 126 1.06 8.84 -7.99
CA LEU A 126 2.04 7.80 -7.78
C LEU A 126 3.37 8.22 -8.42
N ILE A 127 3.32 8.96 -9.50
CA ILE A 127 4.59 9.47 -10.10
C ILE A 127 5.14 10.58 -9.18
N ASP A 128 4.25 11.32 -8.49
CA ASP A 128 4.73 12.33 -7.53
C ASP A 128 5.54 11.57 -6.44
N GLY A 129 5.00 10.48 -5.91
CA GLY A 129 5.69 9.70 -4.90
C GLY A 129 7.03 9.18 -5.43
N MET A 130 7.03 8.64 -6.62
CA MET A 130 8.33 8.18 -7.21
C MET A 130 9.32 9.30 -7.19
N LEU A 131 8.89 10.45 -7.67
CA LEU A 131 9.84 11.53 -7.87
C LEU A 131 10.31 12.20 -6.55
N ALA A 132 9.54 12.08 -5.47
CA ALA A 132 9.96 12.58 -4.17
C ALA A 132 10.84 11.54 -3.40
N GLY A 133 10.81 10.29 -3.84
CA GLY A 133 11.44 9.23 -3.09
C GLY A 133 12.85 8.90 -3.66
N PRO A 134 13.44 7.80 -3.19
CA PRO A 134 14.74 7.40 -3.65
C PRO A 134 14.78 6.80 -5.01
N LYS A 135 15.99 6.84 -5.55
CA LYS A 135 16.26 6.13 -6.77
C LYS A 135 17.58 5.40 -6.64
N PRO A 136 17.68 4.22 -7.27
CA PRO A 136 16.60 3.62 -8.03
C PRO A 136 15.42 3.16 -7.17
N VAL A 137 14.29 2.91 -7.82
CA VAL A 137 13.07 2.43 -7.15
C VAL A 137 12.43 1.31 -8.00
N ASP A 138 11.74 0.40 -7.34
CA ASP A 138 11.08 -0.69 -8.06
C ASP A 138 9.82 -0.18 -8.67
N LEU A 139 9.74 -0.26 -9.99
CA LEU A 139 8.59 0.31 -10.66
C LEU A 139 7.37 -0.55 -10.34
N VAL A 140 7.60 -1.83 -10.04
CA VAL A 140 6.48 -2.74 -9.78
C VAL A 140 5.66 -2.26 -8.57
N GLU A 141 6.38 -2.00 -7.48
CA GLU A 141 5.80 -1.50 -6.26
C GLU A 141 5.37 -0.09 -6.35
N ALA A 142 6.15 0.73 -7.01
CA ALA A 142 5.83 2.14 -7.05
C ALA A 142 4.66 2.55 -7.97
N LEU A 143 4.39 1.76 -8.98
CA LEU A 143 3.46 2.22 -10.03
C LEU A 143 2.61 1.16 -10.62
N ALA A 144 3.25 0.05 -11.00
CA ALA A 144 2.58 -1.01 -11.74
C ALA A 144 1.45 -1.66 -10.91
N LEU A 145 1.69 -2.02 -9.67
CA LEU A 145 0.61 -2.60 -8.80
C LEU A 145 -0.46 -1.65 -8.30
N PRO A 146 -0.05 -0.48 -7.80
CA PRO A 146 -1.00 0.48 -7.24
C PRO A 146 -2.00 1.00 -8.26
N VAL A 147 -1.56 1.36 -9.46
CA VAL A 147 -2.54 1.99 -10.39
C VAL A 147 -3.85 1.19 -10.63
N PRO A 148 -3.73 -0.07 -11.02
CA PRO A 148 -4.91 -0.80 -11.51
C PRO A 148 -5.93 -1.06 -10.41
N VAL A 149 -5.42 -1.37 -9.23
CA VAL A 149 -6.28 -1.67 -8.07
C VAL A 149 -6.95 -0.37 -7.56
N ARG A 150 -6.21 0.72 -7.57
CA ARG A 150 -6.79 2.01 -7.27
C ARG A 150 -7.89 2.39 -8.29
N VAL A 151 -7.61 2.17 -9.57
CA VAL A 151 -8.64 2.48 -10.56
C VAL A 151 -9.90 1.60 -10.34
N ILE A 152 -9.70 0.32 -10.12
CA ILE A 152 -10.84 -0.55 -9.95
C ILE A 152 -11.59 -0.23 -8.67
N CYS A 153 -10.86 0.09 -7.60
CA CYS A 153 -11.53 0.58 -6.37
C CYS A 153 -12.50 1.70 -6.69
N GLU A 154 -12.06 2.63 -7.52
CA GLU A 154 -12.89 3.76 -7.79
C GLU A 154 -14.15 3.37 -8.60
N MET A 155 -14.04 2.42 -9.53
CA MET A 155 -15.19 2.00 -10.30
C MET A 155 -16.18 1.23 -9.48
N LEU A 156 -15.66 0.52 -8.48
CA LEU A 156 -16.46 -0.29 -7.59
C LEU A 156 -17.25 0.56 -6.64
N GLY A 157 -16.66 1.71 -6.31
CA GLY A 157 -17.21 2.59 -5.31
C GLY A 157 -16.65 2.28 -3.94
N VAL A 158 -15.40 1.88 -3.90
CA VAL A 158 -14.69 1.72 -2.61
C VAL A 158 -14.32 3.13 -2.09
N PRO A 159 -14.79 3.47 -0.86
CA PRO A 159 -14.39 4.75 -0.27
C PRO A 159 -12.89 4.94 -0.22
N TYR A 160 -12.46 6.17 -0.45
CA TYR A 160 -11.08 6.54 -0.52
C TYR A 160 -10.23 5.92 0.63
N GLU A 161 -10.78 5.97 1.83
CA GLU A 161 -10.13 5.53 3.05
C GLU A 161 -9.93 4.06 3.25
N ASP A 162 -10.64 3.23 2.46
CA ASP A 162 -10.43 1.78 2.46
C ASP A 162 -9.54 1.36 1.34
N ARG A 163 -9.12 2.29 0.50
CA ARG A 163 -8.23 2.01 -0.65
C ARG A 163 -7.02 1.18 -0.30
N GLU A 164 -6.26 1.59 0.71
CA GLU A 164 -4.99 0.92 1.08
C GLU A 164 -5.19 -0.46 1.58
N PHE A 165 -6.31 -0.67 2.26
CA PHE A 165 -6.64 -2.00 2.75
C PHE A 165 -6.88 -2.96 1.59
N LEU A 166 -7.74 -2.58 0.66
CA LEU A 166 -8.04 -3.38 -0.51
C LEU A 166 -6.79 -3.60 -1.34
N GLN A 167 -6.01 -2.55 -1.51
CA GLN A 167 -4.70 -2.69 -2.19
C GLN A 167 -3.76 -3.71 -1.53
N GLN A 168 -3.52 -3.58 -0.26
CA GLN A 168 -2.63 -4.54 0.34
C GLN A 168 -3.19 -5.95 0.25
N ASN A 169 -4.51 -6.12 0.43
CA ASN A 169 -5.07 -7.48 0.32
C ASN A 169 -4.81 -8.04 -1.05
N ASN A 170 -5.09 -7.23 -2.07
CA ASN A 170 -4.92 -7.67 -3.43
C ASN A 170 -3.44 -7.93 -3.78
N ASN A 171 -2.54 -7.03 -3.37
CA ASN A 171 -1.10 -7.25 -3.45
C ASN A 171 -0.70 -8.56 -2.78
N ALA A 172 -1.29 -8.85 -1.66
CA ALA A 172 -0.87 -10.04 -0.89
C ALA A 172 -1.20 -11.31 -1.65
N MET A 173 -2.33 -11.29 -2.37
CA MET A 173 -2.76 -12.43 -3.19
C MET A 173 -1.90 -12.57 -4.42
N ILE A 174 -1.04 -11.60 -4.72
CA ILE A 174 -0.18 -11.63 -5.93
C ILE A 174 1.24 -11.98 -5.63
N TYR A 175 1.78 -11.55 -4.51
CA TYR A 175 3.19 -11.77 -4.20
C TYR A 175 3.55 -13.26 -4.16
N ARG A 176 4.72 -13.62 -4.71
CA ARG A 176 5.30 -15.01 -4.66
C ARG A 176 5.61 -15.45 -3.23
N ASP A 177 6.10 -14.51 -2.44
CA ASP A 177 6.51 -14.80 -1.07
C ASP A 177 5.34 -14.76 -0.06
N THR A 178 4.10 -14.56 -0.49
CA THR A 178 2.93 -14.72 0.44
C THR A 178 2.63 -16.20 0.60
N ALA A 179 2.51 -16.64 1.85
CA ALA A 179 2.20 -18.02 2.12
C ALA A 179 0.71 -18.18 1.84
N GLN A 180 0.36 -19.28 1.19
CA GLN A 180 -1.00 -19.49 0.73
C GLN A 180 -2.02 -19.27 1.77
N GLY A 181 -1.74 -19.73 2.97
CA GLY A 181 -2.64 -19.50 4.08
C GLY A 181 -2.95 -18.01 4.24
N ASP A 182 -1.96 -17.15 4.04
CA ASP A 182 -2.10 -15.68 4.20
C ASP A 182 -2.83 -15.12 2.98
N ALA A 183 -2.46 -15.60 1.80
CA ALA A 183 -3.25 -15.27 0.61
C ALA A 183 -4.74 -15.54 0.80
N GLN A 184 -5.10 -16.64 1.46
CA GLN A 184 -6.53 -17.00 1.67
C GLN A 184 -7.20 -16.22 2.70
N LYS A 185 -6.43 -15.75 3.66
CA LYS A 185 -6.99 -14.87 4.64
C LYS A 185 -7.28 -13.53 3.99
N ALA A 186 -6.36 -13.10 3.12
CA ALA A 186 -6.49 -11.85 2.38
C ALA A 186 -7.73 -11.91 1.48
N ALA A 187 -7.91 -13.04 0.81
CA ALA A 187 -9.07 -13.26 -0.01
C ALA A 187 -10.34 -13.24 0.82
N ILE A 188 -10.33 -13.93 1.97
CA ILE A 188 -11.50 -13.88 2.87
C ILE A 188 -11.81 -12.45 3.33
N ALA A 189 -10.78 -11.72 3.72
CA ALA A 189 -10.94 -10.33 4.07
C ALA A 189 -11.59 -9.53 2.92
N GLN A 190 -11.13 -9.71 1.66
CA GLN A 190 -11.73 -8.91 0.53
C GLN A 190 -13.21 -9.17 0.39
N ALA A 191 -13.56 -10.45 0.42
CA ALA A 191 -14.94 -10.89 0.23
C ALA A 191 -15.84 -10.31 1.31
N MET A 192 -15.40 -10.42 2.55
CA MET A 192 -16.18 -9.89 3.67
C MET A 192 -16.36 -8.42 3.49
N TYR A 193 -15.30 -7.76 3.09
CA TYR A 193 -15.40 -6.32 2.92
C TYR A 193 -16.39 -5.93 1.82
N LEU A 194 -16.25 -6.61 0.68
CA LEU A 194 -17.10 -6.28 -0.46
C LEU A 194 -18.55 -6.63 -0.08
N LYS A 195 -18.78 -7.77 0.54
CA LYS A 195 -20.12 -8.06 0.98
C LYS A 195 -20.68 -6.96 1.89
N GLU A 196 -19.85 -6.45 2.81
CA GLU A 196 -20.26 -5.35 3.68
C GLU A 196 -20.59 -4.13 2.87
N LEU A 197 -19.69 -3.76 1.96
CA LEU A 197 -19.93 -2.57 1.14
C LEU A 197 -21.17 -2.67 0.28
N VAL A 198 -21.41 -3.83 -0.33
CA VAL A 198 -22.67 -4.03 -1.04
C VAL A 198 -23.90 -3.82 -0.10
N GLY A 199 -23.87 -4.37 1.11
CA GLY A 199 -24.94 -4.09 2.08
C GLY A 199 -25.14 -2.59 2.29
N THR A 200 -24.05 -1.85 2.41
CA THR A 200 -24.07 -0.39 2.52
C THR A 200 -24.76 0.30 1.37
N LYS A 201 -24.54 -0.18 0.16
CA LYS A 201 -24.99 0.47 -1.04
C LYS A 201 -26.49 0.26 -1.23
N LEU A 202 -27.04 -0.80 -0.63
CA LEU A 202 -28.48 -1.08 -0.65
C LEU A 202 -29.27 0.11 -0.16
N GLY A 206 -25.24 4.89 -4.68
CA GLY A 206 -24.05 5.38 -5.40
C GLY A 206 -24.13 5.29 -6.92
N ASP A 207 -23.05 5.65 -7.63
CA ASP A 207 -22.97 5.57 -9.13
C ASP A 207 -22.34 4.32 -9.71
N ASP A 208 -21.54 3.72 -8.86
CA ASP A 208 -20.53 2.72 -9.10
C ASP A 208 -21.06 1.30 -9.22
N ILE A 209 -20.14 0.36 -9.48
CA ILE A 209 -20.51 -1.01 -9.82
C ILE A 209 -21.28 -1.71 -8.71
N LEU A 210 -20.81 -1.50 -7.48
CA LEU A 210 -21.43 -2.18 -6.38
C LEU A 210 -22.84 -1.66 -6.15
N SER A 211 -23.09 -0.39 -6.46
CA SER A 211 -24.46 0.16 -6.40
C SER A 211 -25.29 -0.52 -7.45
N ASP A 212 -24.74 -0.68 -8.66
CA ASP A 212 -25.46 -1.36 -9.71
C ASP A 212 -25.75 -2.76 -9.24
N LEU A 213 -24.81 -3.35 -8.55
CA LEU A 213 -25.01 -4.74 -8.17
C LEU A 213 -26.03 -4.77 -7.02
N ALA A 214 -26.01 -3.76 -6.16
CA ALA A 214 -27.02 -3.69 -5.07
C ALA A 214 -28.45 -3.62 -5.63
N VAL A 215 -28.63 -2.96 -6.75
CA VAL A 215 -29.94 -2.90 -7.39
C VAL A 215 -30.37 -4.30 -7.70
N GLN A 216 -29.47 -5.10 -8.28
CA GLN A 216 -29.75 -6.48 -8.64
C GLN A 216 -30.05 -7.32 -7.43
N VAL A 217 -29.31 -7.07 -6.36
CA VAL A 217 -29.58 -7.78 -5.13
C VAL A 217 -31.00 -7.45 -4.67
N GLU A 218 -31.33 -6.18 -4.64
CA GLU A 218 -32.61 -5.72 -4.15
C GLU A 218 -33.75 -6.24 -5.04
N ALA A 219 -33.46 -6.46 -6.32
CA ALA A 219 -34.44 -6.99 -7.27
C ALA A 219 -34.57 -8.51 -7.22
N GLY A 220 -33.71 -9.19 -6.48
CA GLY A 220 -33.79 -10.63 -6.44
C GLY A 220 -33.03 -11.38 -7.50
N GLU A 221 -32.30 -10.67 -8.36
CA GLU A 221 -31.54 -11.30 -9.44
C GLU A 221 -30.28 -12.04 -9.01
N ILE A 222 -29.63 -11.56 -7.95
CA ILE A 222 -28.47 -12.22 -7.35
C ILE A 222 -28.53 -12.00 -5.88
N THR A 223 -27.77 -12.76 -5.12
CA THR A 223 -27.67 -12.56 -3.71
C THR A 223 -26.54 -11.59 -3.45
N GLN A 224 -26.58 -11.10 -2.24
CA GLN A 224 -25.56 -10.29 -1.69
C GLN A 224 -24.18 -10.96 -1.78
N ASP A 225 -24.12 -12.26 -1.46
CA ASP A 225 -22.91 -13.02 -1.69
C ASP A 225 -22.45 -12.96 -3.13
N ASP A 226 -23.38 -13.12 -4.05
CA ASP A 226 -23.05 -13.12 -5.46
C ASP A 226 -22.49 -11.75 -5.81
N ALA A 227 -23.16 -10.70 -5.36
CA ALA A 227 -22.67 -9.36 -5.60
C ALA A 227 -21.23 -9.25 -5.18
N ALA A 228 -20.92 -9.80 -4.01
CA ALA A 228 -19.58 -9.68 -3.50
C ALA A 228 -18.59 -10.47 -4.33
N GLY A 229 -18.99 -11.67 -4.79
CA GLY A 229 -18.15 -12.49 -5.65
C GLY A 229 -17.86 -11.82 -6.99
N ILE A 230 -18.80 -11.09 -7.51
CA ILE A 230 -18.57 -10.40 -8.78
C ILE A 230 -17.56 -9.28 -8.60
N GLY A 231 -17.77 -8.49 -7.56
CA GLY A 231 -16.80 -7.53 -7.12
C GLY A 231 -15.42 -8.09 -6.95
N MET A 232 -15.33 -9.22 -6.29
CA MET A 232 -14.06 -9.85 -6.07
C MET A 232 -13.40 -10.20 -7.38
N MET A 233 -14.21 -10.77 -8.27
CA MET A 233 -13.72 -11.17 -9.53
C MET A 233 -13.20 -10.00 -10.38
N LEU A 234 -13.88 -8.88 -10.35
CA LEU A 234 -13.42 -7.71 -11.08
C LEU A 234 -12.13 -7.18 -10.46
N LEU A 235 -12.08 -7.16 -9.14
CA LEU A 235 -10.85 -6.88 -8.43
C LEU A 235 -9.65 -7.72 -8.85
N GLY A 236 -9.81 -9.04 -8.86
CA GLY A 236 -8.73 -9.94 -9.23
C GLY A 236 -8.33 -9.77 -10.68
N ALA A 237 -9.32 -9.83 -11.55
CA ALA A 237 -9.13 -9.81 -12.99
C ALA A 237 -8.37 -8.62 -13.54
N GLY A 238 -8.64 -7.47 -12.93
CA GLY A 238 -8.14 -6.26 -13.44
C GLY A 238 -6.82 -5.81 -12.85
N HIS A 239 -6.28 -6.58 -11.92
CA HIS A 239 -5.14 -6.09 -11.21
C HIS A 239 -3.79 -6.59 -11.72
N GLU A 240 -3.48 -7.85 -11.53
CA GLU A 240 -2.19 -8.35 -11.88
C GLU A 240 -1.89 -8.22 -13.35
N THR A 241 -2.86 -8.54 -14.19
CA THR A 241 -2.70 -8.43 -15.62
C THR A 241 -2.24 -7.05 -16.01
N THR A 242 -2.95 -6.04 -15.54
CA THR A 242 -2.66 -4.67 -15.90
C THR A 242 -1.31 -4.25 -15.34
N ALA A 243 -1.05 -4.67 -14.11
CA ALA A 243 0.27 -4.40 -13.54
C ALA A 243 1.41 -5.00 -14.34
N ASN A 244 1.27 -6.26 -14.71
CA ASN A 244 2.29 -6.89 -15.53
C ASN A 244 2.52 -6.11 -16.83
N MET A 245 1.42 -5.62 -17.45
CA MET A 245 1.54 -4.81 -18.66
C MET A 245 2.30 -3.49 -18.38
N ILE A 246 2.03 -2.88 -17.25
CA ILE A 246 2.70 -1.65 -16.93
C ILE A 246 4.20 -1.86 -16.85
N ALA A 247 4.59 -2.89 -16.11
CA ALA A 247 5.98 -3.11 -15.82
C ALA A 247 6.74 -3.70 -16.99
N LEU A 248 6.22 -4.78 -17.56
CA LEU A 248 6.80 -5.36 -18.76
C LEU A 248 6.77 -4.40 -19.95
N GLY A 249 5.70 -3.67 -20.07
CA GLY A 249 5.58 -2.73 -21.17
C GLY A 249 6.66 -1.67 -21.03
N THR A 250 6.83 -1.16 -19.82
CA THR A 250 7.89 -0.17 -19.60
C THR A 250 9.30 -0.70 -19.93
N LEU A 251 9.53 -1.94 -19.56
CA LEU A 251 10.79 -2.53 -19.78
C LEU A 251 11.00 -2.70 -21.28
N ALA A 252 9.96 -3.14 -21.99
CA ALA A 252 10.06 -3.26 -23.44
C ALA A 252 10.38 -1.90 -24.06
N LEU A 253 9.77 -0.85 -23.56
CA LEU A 253 10.12 0.45 -24.10
C LEU A 253 11.56 0.85 -23.75
N LEU A 254 12.00 0.56 -22.54
CA LEU A 254 13.33 0.94 -22.19
C LEU A 254 14.34 0.14 -23.02
N GLU A 255 14.03 -1.10 -23.36
CA GLU A 255 14.94 -1.89 -24.26
C GLU A 255 14.85 -1.48 -25.74
N ASN A 256 13.91 -0.61 -26.09
CA ASN A 256 13.72 -0.18 -27.43
C ASN A 256 13.72 1.38 -27.44
N PRO A 257 14.86 1.97 -27.09
CA PRO A 257 14.92 3.37 -26.75
C PRO A 257 14.39 4.34 -27.81
N GLU A 258 14.61 4.02 -29.10
CA GLU A 258 14.22 4.89 -30.22
C GLU A 258 12.70 4.94 -30.31
N GLN A 259 12.09 3.82 -29.99
CA GLN A 259 10.63 3.78 -29.89
C GLN A 259 10.07 4.41 -28.62
N LEU A 260 10.71 4.23 -27.47
CA LEU A 260 10.35 5.00 -26.30
C LEU A 260 10.31 6.50 -26.60
N ALA A 261 11.36 6.99 -27.25
CA ALA A 261 11.49 8.43 -27.45
C ALA A 261 10.32 8.93 -28.24
N GLU A 262 9.93 8.16 -29.24
CA GLU A 262 8.81 8.55 -30.09
C GLU A 262 7.50 8.59 -29.34
N VAL A 263 7.22 7.54 -28.57
CA VAL A 263 5.99 7.51 -27.74
C VAL A 263 5.99 8.68 -26.81
N ARG A 264 7.13 8.96 -26.16
CA ARG A 264 7.23 10.13 -25.30
C ARG A 264 7.05 11.47 -26.04
N ASP A 265 7.76 11.63 -27.15
CA ASP A 265 7.94 12.94 -27.78
C ASP A 265 7.05 13.21 -28.99
N SER A 266 6.48 12.20 -29.62
CA SER A 266 5.62 12.46 -30.75
C SER A 266 4.42 13.38 -30.37
N ASP A 267 4.12 14.34 -31.25
CA ASP A 267 2.97 15.20 -31.17
C ASP A 267 1.72 14.53 -31.74
N ASP A 268 1.81 13.28 -32.19
CA ASP A 268 0.67 12.58 -32.81
C ASP A 268 0.01 11.68 -31.75
N PRO A 269 -1.20 12.03 -31.27
CA PRO A 269 -1.94 11.21 -30.31
C PRO A 269 -2.16 9.76 -30.67
N LYS A 270 -2.12 9.40 -31.94
CA LYS A 270 -2.27 8.03 -32.37
C LYS A 270 -1.10 7.14 -31.89
N VAL A 271 0.10 7.73 -31.70
CA VAL A 271 1.27 6.94 -31.41
C VAL A 271 1.14 6.22 -30.03
N ILE A 272 0.67 6.93 -29.01
CA ILE A 272 0.44 6.26 -27.71
C ILE A 272 -0.59 5.15 -27.89
N VAL A 273 -1.57 5.38 -28.74
CA VAL A 273 -2.60 4.38 -28.95
C VAL A 273 -2.06 3.13 -29.59
N ASN A 274 -1.34 3.30 -30.69
CA ASN A 274 -0.65 2.20 -31.36
C ASN A 274 0.34 1.50 -30.47
N THR A 275 1.03 2.26 -29.63
CA THR A 275 2.11 1.70 -28.80
C THR A 275 1.48 0.72 -27.80
N VAL A 276 0.39 1.11 -27.21
CA VAL A 276 -0.30 0.20 -26.26
C VAL A 276 -0.71 -1.09 -27.01
N GLU A 277 -1.16 -0.98 -28.26
CA GLU A 277 -1.64 -2.20 -28.94
C GLU A 277 -0.47 -3.08 -29.28
N GLU A 278 0.62 -2.48 -29.76
CA GLU A 278 1.78 -3.26 -30.10
C GLU A 278 2.39 -3.87 -28.87
N LEU A 279 2.42 -3.16 -27.74
CA LEU A 279 2.82 -3.80 -26.50
C LEU A 279 1.92 -4.93 -26.10
N LEU A 280 0.61 -4.73 -26.16
CA LEU A 280 -0.29 -5.82 -25.83
C LEU A 280 0.03 -7.05 -26.70
N ARG A 281 0.25 -6.82 -28.01
CA ARG A 281 0.50 -7.90 -28.93
C ARG A 281 1.88 -8.53 -28.66
N TYR A 282 2.91 -7.70 -28.57
CA TYR A 282 4.28 -8.17 -28.41
C TYR A 282 4.44 -8.99 -27.20
N LEU A 283 3.85 -8.57 -26.08
CA LEU A 283 4.06 -9.28 -24.80
C LEU A 283 3.02 -10.34 -24.46
N THR A 284 1.82 -10.18 -24.98
CA THR A 284 0.71 -11.10 -24.64
C THR A 284 0.87 -11.76 -23.31
N ILE A 285 0.79 -10.95 -22.29
CA ILE A 285 1.00 -11.45 -20.93
C ILE A 285 -0.02 -12.49 -20.48
N ALA A 286 -1.18 -12.56 -21.11
CA ALA A 286 -2.15 -13.60 -20.70
C ALA A 286 -1.77 -14.99 -21.26
N GLN A 287 -0.75 -15.04 -22.13
CA GLN A 287 -0.15 -16.25 -22.62
C GLN A 287 -1.24 -17.33 -22.93
N ASP A 288 -1.15 -18.49 -22.29
CA ASP A 288 -2.01 -19.64 -22.51
C ASP A 288 -3.04 -19.80 -21.38
N THR A 289 -3.44 -18.70 -20.79
CA THR A 289 -4.44 -18.74 -19.76
C THR A 289 -5.86 -18.99 -20.25
N VAL A 290 -6.05 -18.92 -21.57
CA VAL A 290 -7.33 -19.14 -22.18
C VAL A 290 -7.53 -20.64 -22.46
N ARG A 291 -8.56 -21.19 -21.83
CA ARG A 291 -8.78 -22.61 -21.85
C ARG A 291 -10.21 -22.87 -22.13
N ARG A 292 -10.49 -23.90 -22.95
CA ARG A 292 -11.83 -24.35 -23.16
C ARG A 292 -11.90 -25.90 -23.24
N ILE A 293 -13.14 -26.40 -23.33
CA ILE A 293 -13.40 -27.81 -23.63
C ILE A 293 -14.43 -27.93 -24.76
N ALA A 294 -14.24 -28.90 -25.66
CA ALA A 294 -15.14 -29.08 -26.76
C ALA A 294 -16.40 -29.72 -26.16
N ALA A 295 -17.55 -29.13 -26.38
CA ALA A 295 -18.83 -29.75 -25.92
C ALA A 295 -19.41 -30.77 -26.89
N GLU A 296 -18.98 -30.66 -28.15
CA GLU A 296 -19.36 -31.48 -29.29
C GLU A 296 -18.08 -31.58 -30.10
N ASP A 297 -18.05 -32.53 -31.02
CA ASP A 297 -16.87 -32.72 -31.85
C ASP A 297 -16.79 -31.49 -32.73
N ILE A 298 -15.57 -31.12 -33.10
CA ILE A 298 -15.33 -29.94 -33.86
C ILE A 298 -14.24 -30.27 -34.85
N GLU A 299 -14.50 -30.02 -36.12
CA GLU A 299 -13.51 -30.30 -37.12
C GLU A 299 -12.90 -29.00 -37.46
N ILE A 300 -11.57 -28.94 -37.42
CA ILE A 300 -10.87 -27.71 -37.74
C ILE A 300 -9.45 -28.05 -38.20
N GLY A 301 -8.95 -27.36 -39.18
CA GLY A 301 -7.58 -27.53 -39.67
C GLY A 301 -7.22 -28.96 -40.00
N GLY A 302 -8.22 -29.76 -40.37
CA GLY A 302 -7.98 -31.18 -40.77
C GLY A 302 -7.86 -32.17 -39.65
N VAL A 303 -8.20 -31.75 -38.45
CA VAL A 303 -8.20 -32.71 -37.37
C VAL A 303 -9.62 -32.66 -36.80
N VAL A 304 -9.85 -33.50 -35.81
CA VAL A 304 -11.20 -33.56 -35.21
C VAL A 304 -10.97 -33.46 -33.74
N ILE A 305 -11.41 -32.35 -33.15
CA ILE A 305 -11.38 -32.22 -31.73
C ILE A 305 -12.64 -32.94 -31.27
N LYS A 306 -12.48 -33.89 -30.36
CA LYS A 306 -13.63 -34.71 -29.94
C LYS A 306 -14.29 -34.07 -28.73
N ALA A 307 -15.62 -34.22 -28.61
CA ALA A 307 -16.34 -33.81 -27.43
C ALA A 307 -15.63 -34.25 -26.20
N GLY A 308 -15.55 -33.41 -25.19
CA GLY A 308 -14.89 -33.78 -23.93
C GLY A 308 -13.38 -33.59 -23.96
N GLU A 309 -12.80 -33.27 -25.12
CA GLU A 309 -11.38 -32.92 -25.16
C GLU A 309 -11.11 -31.43 -24.88
N GLY A 310 -10.05 -31.19 -24.13
CA GLY A 310 -9.59 -29.85 -23.82
C GLY A 310 -8.85 -29.16 -24.95
N ILE A 311 -8.95 -27.82 -24.90
CA ILE A 311 -8.33 -26.93 -25.86
C ILE A 311 -7.60 -25.79 -25.13
N VAL A 312 -6.32 -25.63 -25.49
CA VAL A 312 -5.44 -24.65 -24.89
C VAL A 312 -5.10 -23.64 -25.98
N PHE A 313 -5.21 -22.37 -25.62
CA PHE A 313 -5.05 -21.24 -26.50
C PHE A 313 -3.87 -20.35 -26.05
N PRO A 314 -2.69 -20.61 -26.61
CA PRO A 314 -1.55 -19.71 -26.40
C PRO A 314 -1.70 -18.47 -27.21
N LEU A 315 -2.34 -17.48 -26.59
CA LEU A 315 -2.59 -16.18 -27.24
C LEU A 315 -1.29 -15.58 -27.79
N ASN A 316 -0.21 -15.86 -27.11
CA ASN A 316 1.10 -15.31 -27.50
C ASN A 316 1.64 -15.92 -28.77
N ALA A 317 1.23 -17.15 -29.07
CA ALA A 317 1.46 -17.75 -30.40
C ALA A 317 0.68 -17.01 -31.49
N ALA A 318 -0.64 -16.81 -31.25
CA ALA A 318 -1.49 -16.15 -32.21
C ALA A 318 -1.00 -14.77 -32.47
N ASN A 319 -0.50 -14.08 -31.45
CA ASN A 319 -0.09 -12.70 -31.65
C ASN A 319 1.32 -12.57 -32.28
N TRP A 320 1.99 -13.68 -32.53
CA TRP A 320 3.26 -13.67 -33.28
C TRP A 320 3.07 -14.46 -34.57
N ASP A 321 1.81 -14.73 -34.93
CA ASP A 321 1.41 -15.50 -36.15
C ASP A 321 1.78 -14.72 -37.41
N PRO A 322 2.71 -15.24 -38.24
CA PRO A 322 3.08 -14.50 -39.44
C PRO A 322 2.00 -14.42 -40.50
N ASP A 323 0.94 -15.22 -40.40
CA ASP A 323 -0.22 -15.09 -41.31
C ASP A 323 -0.81 -13.74 -41.06
N LEU A 324 -0.60 -13.21 -39.87
CA LEU A 324 -1.18 -11.93 -39.59
C LEU A 324 -0.11 -10.88 -39.40
N TYR A 325 1.02 -11.25 -38.79
CA TYR A 325 2.12 -10.32 -38.51
C TYR A 325 3.42 -10.78 -39.18
N PRO A 326 3.48 -10.67 -40.50
CA PRO A 326 4.63 -11.27 -41.22
C PRO A 326 5.96 -10.55 -40.98
N GLU A 327 5.91 -9.22 -40.83
CA GLU A 327 7.12 -8.41 -40.68
C GLU A 327 7.67 -8.42 -39.27
N ALA A 328 8.64 -9.30 -39.03
CA ALA A 328 9.34 -9.42 -37.77
C ALA A 328 8.35 -9.28 -36.58
N PRO A 329 7.47 -10.28 -36.40
CA PRO A 329 6.54 -10.20 -35.25
C PRO A 329 7.28 -10.37 -33.92
N ASP A 330 8.52 -10.84 -34.00
CA ASP A 330 9.35 -11.00 -32.83
C ASP A 330 10.11 -9.75 -32.41
N ARG A 331 9.88 -8.62 -33.10
CA ARG A 331 10.42 -7.34 -32.73
C ARG A 331 9.25 -6.43 -32.29
N LEU A 332 9.56 -5.45 -31.43
CA LEU A 332 8.61 -4.43 -31.05
C LEU A 332 8.61 -3.44 -32.16
N ASP A 333 7.45 -3.12 -32.68
CA ASP A 333 7.37 -2.06 -33.65
C ASP A 333 6.07 -1.31 -33.39
N ILE A 334 6.18 -0.16 -32.75
CA ILE A 334 4.98 0.61 -32.39
C ILE A 334 4.13 1.14 -33.55
N HIS A 335 4.66 1.03 -34.76
CA HIS A 335 3.99 1.45 -35.98
C HIS A 335 3.41 0.27 -36.73
N ARG A 336 3.54 -0.91 -36.16
CA ARG A 336 2.97 -2.06 -36.77
C ARG A 336 1.50 -1.70 -37.05
N ALA A 337 1.12 -1.66 -38.33
CA ALA A 337 -0.18 -1.04 -38.73
C ALA A 337 -1.37 -1.91 -38.35
N ASN A 338 -1.01 -3.15 -37.99
CA ASN A 338 -1.83 -4.28 -37.79
C ASN A 338 -2.14 -4.66 -36.29
N ALA A 339 -1.37 -4.06 -35.38
CA ALA A 339 -1.29 -4.46 -33.98
C ALA A 339 -2.65 -4.65 -33.33
N ARG A 340 -3.61 -3.79 -33.61
CA ARG A 340 -4.89 -3.86 -32.91
C ARG A 340 -5.67 -5.14 -33.22
N ARG A 341 -5.27 -5.89 -34.23
CA ARG A 341 -5.92 -7.21 -34.46
C ARG A 341 -5.51 -8.28 -33.42
N HIS A 342 -4.69 -7.94 -32.43
CA HIS A 342 -4.15 -8.95 -31.51
C HIS A 342 -5.26 -9.62 -30.67
N LEU A 343 -4.93 -10.77 -30.08
CA LEU A 343 -5.89 -11.42 -29.16
C LEU A 343 -5.44 -11.42 -27.73
N ALA A 344 -4.68 -10.43 -27.33
CA ALA A 344 -4.21 -10.28 -25.96
C ALA A 344 -5.34 -10.26 -24.92
N PHE A 345 -6.52 -9.83 -25.33
CA PHE A 345 -7.73 -9.83 -24.46
C PHE A 345 -8.66 -10.99 -24.77
N GLY A 346 -8.09 -11.96 -25.46
CA GLY A 346 -8.84 -13.15 -25.88
C GLY A 346 -9.81 -12.84 -27.01
N TYR A 347 -10.86 -13.61 -27.09
CA TYR A 347 -11.81 -13.44 -28.16
C TYR A 347 -13.13 -14.14 -27.86
N GLY A 348 -14.16 -13.73 -28.52
CA GLY A 348 -15.51 -14.35 -28.36
C GLY A 348 -16.26 -13.80 -27.18
N VAL A 349 -17.25 -14.53 -26.68
CA VAL A 349 -18.08 -13.96 -25.61
C VAL A 349 -17.36 -13.72 -24.27
N HIS A 350 -16.20 -14.33 -24.07
CA HIS A 350 -15.46 -14.09 -22.86
C HIS A 350 -14.34 -13.09 -23.06
N GLN A 351 -14.30 -12.48 -24.22
CA GLN A 351 -13.28 -11.46 -24.44
C GLN A 351 -13.21 -10.49 -23.25
N CYS A 352 -11.98 -10.13 -22.85
CA CYS A 352 -11.76 -9.21 -21.71
C CYS A 352 -12.79 -8.09 -21.56
N LEU A 353 -13.62 -8.20 -20.51
CA LEU A 353 -14.52 -7.13 -20.11
C LEU A 353 -13.82 -5.77 -19.88
N GLY A 354 -12.62 -5.83 -19.34
CA GLY A 354 -11.86 -4.62 -19.06
C GLY A 354 -10.98 -4.14 -20.22
N ALA A 355 -11.16 -4.65 -21.42
CA ALA A 355 -10.19 -4.39 -22.47
C ALA A 355 -10.05 -2.87 -22.78
N THR A 356 -11.15 -2.11 -22.68
CA THR A 356 -11.13 -0.68 -22.99
C THR A 356 -10.48 0.06 -21.86
N LEU A 357 -10.82 -0.33 -20.65
CA LEU A 357 -10.22 0.22 -19.45
C LEU A 357 -8.69 -0.01 -19.43
N ALA A 358 -8.26 -1.22 -19.76
CA ALA A 358 -6.86 -1.54 -19.82
C ALA A 358 -6.11 -0.77 -20.84
N ARG A 359 -6.64 -0.68 -22.03
CA ARG A 359 -6.07 0.14 -23.07
C ARG A 359 -5.83 1.59 -22.58
N VAL A 360 -6.85 2.17 -21.96
CA VAL A 360 -6.82 3.53 -21.53
C VAL A 360 -5.97 3.76 -20.29
N GLU A 361 -5.96 2.81 -19.36
CA GLU A 361 -5.03 2.83 -18.25
C GLU A 361 -3.56 2.82 -18.76
N LEU A 362 -3.25 1.97 -19.69
CA LEU A 362 -1.87 1.85 -20.14
C LEU A 362 -1.48 3.06 -20.92
N GLN A 363 -2.38 3.62 -21.71
CA GLN A 363 -2.04 4.82 -22.49
C GLN A 363 -1.62 5.91 -21.54
N ILE A 364 -2.42 6.09 -20.48
CA ILE A 364 -2.16 7.12 -19.50
C ILE A 364 -0.92 6.90 -18.66
N VAL A 365 -0.75 5.66 -18.22
CA VAL A 365 0.40 5.30 -17.40
C VAL A 365 1.73 5.46 -18.20
N TYR A 366 1.78 4.88 -19.38
CA TYR A 366 3.02 4.94 -20.14
C TYR A 366 3.35 6.34 -20.53
N SER A 367 2.36 7.10 -21.03
CA SER A 367 2.60 8.45 -21.48
C SER A 367 2.98 9.35 -20.33
N THR A 368 2.23 9.25 -19.23
CA THR A 368 2.56 10.11 -18.12
C THR A 368 3.95 9.79 -17.50
N LEU A 369 4.23 8.50 -17.37
CA LEU A 369 5.48 8.03 -16.83
C LEU A 369 6.65 8.61 -17.63
N LEU A 370 6.53 8.53 -18.94
CA LEU A 370 7.67 8.95 -19.79
C LEU A 370 7.77 10.49 -19.92
N ARG A 371 6.63 11.18 -19.99
CA ARG A 371 6.65 12.66 -20.02
C ARG A 371 7.13 13.24 -18.68
N ARG A 372 6.76 12.66 -17.55
CA ARG A 372 7.23 13.20 -16.27
C ARG A 372 8.63 12.76 -15.89
N ILE A 373 9.08 11.65 -16.47
CA ILE A 373 10.39 11.08 -16.14
C ILE A 373 11.05 10.86 -17.50
N PRO A 374 11.40 11.96 -18.18
CA PRO A 374 11.98 11.81 -19.50
C PRO A 374 13.34 11.15 -19.47
N THR A 375 13.99 11.15 -18.31
CA THR A 375 15.28 10.48 -18.14
C THR A 375 15.20 9.07 -17.57
N LEU A 376 13.98 8.50 -17.55
CA LEU A 376 13.81 7.14 -17.07
C LEU A 376 14.87 6.20 -17.68
N ALA A 377 15.44 5.35 -16.84
CA ALA A 377 16.46 4.39 -17.26
C ALA A 377 16.37 3.12 -16.42
N LEU A 378 16.57 1.99 -17.06
CA LEU A 378 16.73 0.77 -16.31
C LEU A 378 17.91 0.96 -15.37
N ALA A 379 17.78 0.54 -14.11
CA ALA A 379 18.85 0.80 -13.15
C ALA A 379 19.97 -0.20 -13.40
N GLY A 380 19.62 -1.43 -13.77
CA GLY A 380 20.62 -2.40 -14.28
C GLY A 380 20.48 -2.75 -15.77
N THR A 381 20.54 -4.04 -16.10
CA THR A 381 20.40 -4.51 -17.47
C THR A 381 19.37 -5.59 -17.49
N LEU A 382 18.90 -5.89 -18.69
CA LEU A 382 17.84 -6.86 -18.92
C LEU A 382 18.05 -8.18 -18.22
N ASP A 383 19.23 -8.73 -18.43
CA ASP A 383 19.61 -9.99 -17.80
C ASP A 383 19.55 -9.93 -16.28
N GLU A 384 19.65 -8.76 -15.67
CA GLU A 384 19.49 -8.77 -14.19
C GLU A 384 17.99 -8.72 -13.74
N ILE A 385 17.05 -8.64 -14.67
CA ILE A 385 15.62 -8.50 -14.28
C ILE A 385 15.00 -9.85 -14.01
N PRO A 386 14.34 -10.00 -12.86
CA PRO A 386 13.73 -11.31 -12.66
C PRO A 386 12.36 -11.41 -13.29
N PHE A 387 12.25 -12.27 -14.29
CA PHE A 387 10.98 -12.51 -14.95
C PHE A 387 10.13 -13.55 -14.21
N LYS A 388 8.84 -13.50 -14.50
CA LYS A 388 7.88 -14.45 -13.91
C LYS A 388 7.76 -15.69 -14.81
N HIS A 389 8.91 -16.27 -15.12
CA HIS A 389 9.00 -17.45 -15.94
C HIS A 389 8.26 -18.60 -15.30
N ASP A 390 8.31 -18.66 -13.98
CA ASP A 390 7.67 -19.73 -13.25
C ASP A 390 6.14 -19.58 -13.05
N GLN A 391 5.46 -18.69 -13.76
CA GLN A 391 4.04 -18.45 -13.48
C GLN A 391 3.24 -18.59 -14.76
N ILE A 392 1.94 -18.41 -14.67
CA ILE A 392 1.18 -18.40 -15.89
C ILE A 392 1.28 -17.01 -16.57
N ALA A 393 0.88 -15.96 -15.83
CA ALA A 393 0.85 -14.61 -16.39
C ALA A 393 2.31 -14.20 -16.57
N HIS A 394 2.65 -13.67 -17.74
CA HIS A 394 3.99 -13.16 -17.96
C HIS A 394 4.25 -11.76 -17.42
N GLY A 395 5.46 -11.53 -16.92
CA GLY A 395 5.77 -10.31 -16.21
C GLY A 395 7.11 -10.35 -15.51
N VAL A 396 7.36 -9.34 -14.67
CA VAL A 396 8.61 -9.25 -13.96
C VAL A 396 8.30 -9.09 -12.50
N TYR A 397 9.04 -9.77 -11.65
CA TYR A 397 8.87 -9.61 -10.20
C TYR A 397 9.26 -8.23 -9.68
N GLU A 398 10.22 -7.61 -10.37
CA GLU A 398 10.80 -6.41 -9.94
C GLU A 398 11.39 -5.68 -11.14
N LEU A 399 11.37 -4.35 -11.08
CA LEU A 399 11.85 -3.52 -12.15
C LEU A 399 12.53 -2.26 -11.59
N PRO A 400 13.85 -2.38 -11.34
CA PRO A 400 14.55 -1.24 -10.81
C PRO A 400 14.76 -0.21 -11.88
N VAL A 401 14.22 0.99 -11.67
CA VAL A 401 14.44 2.07 -12.59
C VAL A 401 15.04 3.29 -11.87
N THR A 402 15.67 4.14 -12.65
CA THR A 402 16.25 5.32 -12.16
C THR A 402 16.07 6.41 -13.17
N TRP A 403 16.55 7.57 -12.80
CA TRP A 403 16.42 8.73 -13.58
C TRP A 403 17.41 9.75 -13.05
N ALA B 5 -3.42 37.00 25.28
CA ALA B 5 -3.06 35.71 24.62
C ALA B 5 -3.00 34.64 25.68
N PRO B 6 -3.79 33.55 25.52
CA PRO B 6 -3.71 32.51 26.55
C PRO B 6 -2.36 31.83 26.56
N GLU B 7 -2.01 31.18 27.65
CA GLU B 7 -0.74 30.43 27.76
C GLU B 7 -0.91 29.11 27.02
N TRP B 8 0.19 28.60 26.49
CA TRP B 8 0.14 27.31 25.79
C TRP B 8 1.38 26.49 26.14
N PRO B 9 1.22 25.19 26.49
CA PRO B 9 0.03 24.36 26.36
C PRO B 9 -0.98 24.61 27.45
N MET B 10 -2.22 24.28 27.20
CA MET B 10 -3.26 24.41 28.19
C MET B 10 -3.30 22.99 28.81
N LYS B 11 -3.95 22.84 29.95
CA LYS B 11 -3.84 21.59 30.75
C LYS B 11 -5.07 20.70 30.61
N ARG B 12 -4.90 19.40 30.79
CA ARG B 12 -6.02 18.46 30.77
C ARG B 12 -6.54 18.32 32.19
N ASP B 13 -7.04 19.40 32.75
CA ASP B 13 -7.35 19.41 34.17
C ASP B 13 -8.70 18.73 34.55
N THR B 14 -9.60 18.50 33.58
CA THR B 14 -10.99 18.34 33.96
C THR B 14 -11.80 17.21 33.32
N GLY B 15 -11.63 16.97 32.03
CA GLY B 15 -12.44 15.96 31.37
C GLY B 15 -12.07 14.52 31.66
N CYS B 16 -12.65 13.66 30.84
CA CYS B 16 -12.02 12.38 30.55
C CYS B 16 -10.51 12.68 30.22
N PRO B 17 -9.53 11.96 30.85
CA PRO B 17 -8.09 12.18 30.59
C PRO B 17 -7.64 11.84 29.16
N PHE B 18 -8.47 11.10 28.41
CA PHE B 18 -8.20 10.77 27.00
C PHE B 18 -8.32 11.96 26.04
N ASP B 19 -9.16 12.90 26.46
CA ASP B 19 -9.61 14.01 25.65
C ASP B 19 -8.45 15.01 25.49
N PRO B 20 -8.47 15.80 24.42
CA PRO B 20 -7.58 16.95 24.38
C PRO B 20 -7.91 17.85 25.56
N PRO B 21 -7.01 18.78 25.90
CA PRO B 21 -7.31 19.76 26.96
C PRO B 21 -8.61 20.51 26.65
N PRO B 22 -9.41 20.81 27.68
CA PRO B 22 -10.65 21.55 27.48
C PRO B 22 -10.52 22.87 26.73
N GLY B 23 -9.53 23.70 27.10
CA GLY B 23 -9.28 24.98 26.40
C GLY B 23 -8.99 24.84 24.89
N VAL B 24 -8.33 23.74 24.55
CA VAL B 24 -8.13 23.37 23.15
C VAL B 24 -9.45 23.09 22.38
N ARG B 25 -10.38 22.33 22.98
CA ARG B 25 -11.73 22.11 22.37
C ARG B 25 -12.53 23.40 22.24
N LYS B 26 -12.32 24.31 23.17
CA LYS B 26 -12.93 25.63 23.10
C LYS B 26 -12.41 26.49 21.93
N LEU B 27 -11.10 26.62 21.79
CA LEU B 27 -10.54 27.28 20.58
C LEU B 27 -11.03 26.68 19.27
N LEU B 28 -11.03 25.36 19.23
CA LEU B 28 -11.38 24.69 17.98
C LEU B 28 -12.79 25.13 17.65
N ALA B 29 -13.68 25.11 18.65
CA ALA B 29 -15.07 25.54 18.49
C ALA B 29 -15.24 27.04 18.16
N GLU B 30 -14.47 27.92 18.77
CA GLU B 30 -14.73 29.31 18.53
C GLU B 30 -13.64 30.18 18.01
N LYS B 31 -12.37 29.73 17.99
CA LYS B 31 -11.31 30.51 17.36
C LYS B 31 -10.31 29.63 16.62
N PRO B 32 -10.62 29.23 15.38
CA PRO B 32 -9.80 28.40 14.50
C PRO B 32 -8.34 28.83 14.36
N LEU B 33 -8.13 30.15 14.29
CA LEU B 33 -6.80 30.71 14.18
C LEU B 33 -6.67 31.79 15.24
N SER B 34 -5.69 31.62 16.12
CA SER B 34 -5.46 32.56 17.21
C SER B 34 -3.99 32.50 17.58
N ARG B 35 -3.62 33.38 18.49
CA ARG B 35 -2.29 33.42 19.04
C ARG B 35 -2.31 32.95 20.49
N ALA B 36 -1.21 32.34 20.88
CA ALA B 36 -1.05 31.84 22.23
C ALA B 36 0.37 32.05 22.63
N ARG B 37 0.57 32.30 23.92
CA ARG B 37 1.91 32.52 24.41
C ARG B 37 2.53 31.22 24.91
N ILE B 38 3.66 30.88 24.35
CA ILE B 38 4.39 29.68 24.72
C ILE B 38 5.56 30.01 25.65
N TRP B 39 6.24 28.95 26.09
CA TRP B 39 7.25 28.99 27.13
C TRP B 39 8.31 30.06 26.90
N ASP B 40 8.61 30.40 25.66
CA ASP B 40 9.67 31.37 25.42
C ASP B 40 9.11 32.74 25.30
N GLY B 41 7.82 32.92 25.64
CA GLY B 41 7.22 34.24 25.57
C GLY B 41 6.75 34.73 24.21
N SER B 42 7.20 34.11 23.12
CA SER B 42 6.62 34.38 21.80
C SER B 42 5.15 33.99 21.79
N THR B 43 4.41 34.56 20.85
CA THR B 43 3.02 34.18 20.68
C THR B 43 2.71 33.66 19.26
N PRO B 44 3.06 32.42 18.95
CA PRO B 44 2.75 31.90 17.63
C PRO B 44 1.26 31.71 17.37
N TRP B 45 0.94 31.43 16.12
CA TRP B 45 -0.41 31.08 15.77
C TRP B 45 -0.72 29.65 16.17
N VAL B 46 -1.95 29.42 16.58
CA VAL B 46 -2.45 28.10 16.85
C VAL B 46 -3.51 27.77 15.83
N VAL B 47 -3.31 26.67 15.11
CA VAL B 47 -4.17 26.31 13.96
C VAL B 47 -4.93 25.05 14.33
N THR B 48 -6.20 25.22 14.63
CA THR B 48 -7.01 24.12 15.16
C THR B 48 -7.80 23.29 14.16
N ARG B 49 -8.06 23.81 12.98
CA ARG B 49 -8.90 23.08 11.99
C ARG B 49 -8.16 22.13 11.12
N HIS B 50 -8.80 20.99 10.88
CA HIS B 50 -8.16 19.91 10.11
C HIS B 50 -7.78 20.43 8.74
N ALA B 51 -8.72 21.12 8.10
CA ALA B 51 -8.54 21.70 6.79
C ALA B 51 -7.35 22.67 6.71
N ASP B 52 -7.25 23.54 7.69
CA ASP B 52 -6.19 24.52 7.76
C ASP B 52 -4.81 23.92 8.08
N GLN B 53 -4.78 22.89 8.91
CA GLN B 53 -3.53 22.15 9.14
C GLN B 53 -3.04 21.52 7.86
N ARG B 54 -3.90 20.84 7.14
CA ARG B 54 -3.50 20.34 5.84
C ARG B 54 -3.01 21.40 4.88
N ALA B 55 -3.73 22.51 4.88
CA ALA B 55 -3.38 23.64 4.03
C ALA B 55 -1.97 24.16 4.34
N LEU B 56 -1.70 24.39 5.62
CA LEU B 56 -0.44 25.00 5.97
C LEU B 56 0.74 24.03 5.86
N LEU B 57 0.50 22.79 6.29
CA LEU B 57 1.50 21.79 6.34
C LEU B 57 1.99 21.34 4.94
N SER B 58 1.19 21.58 3.91
CA SER B 58 1.58 21.31 2.57
C SER B 58 1.93 22.62 1.76
N ASP B 59 2.10 23.78 2.41
CA ASP B 59 2.28 25.05 1.78
C ASP B 59 3.81 25.22 1.78
N PRO B 60 4.44 25.39 0.64
CA PRO B 60 5.92 25.56 0.68
C PRO B 60 6.39 26.84 1.39
N ARG B 61 5.46 27.72 1.77
CA ARG B 61 5.83 28.90 2.50
C ARG B 61 6.07 28.61 3.94
N VAL B 62 5.72 27.39 4.36
CA VAL B 62 5.79 26.97 5.72
C VAL B 62 7.08 26.18 5.91
N SER B 63 7.87 26.56 6.89
CA SER B 63 9.23 25.98 7.08
C SER B 63 9.35 25.23 8.40
N HIS B 64 10.12 24.15 8.38
CA HIS B 64 10.37 23.39 9.60
C HIS B 64 11.79 23.72 10.16
N ASP B 65 12.36 24.86 9.81
CA ASP B 65 13.77 25.14 10.11
C ASP B 65 13.86 25.77 11.48
N GLY B 66 14.19 24.95 12.45
CA GLY B 66 14.22 25.39 13.85
C GLY B 66 15.39 26.31 14.23
N LEU B 67 16.35 26.53 13.33
CA LEU B 67 17.39 27.57 13.48
C LEU B 67 16.85 28.98 13.25
N ARG B 68 15.77 29.12 12.50
CA ARG B 68 15.18 30.44 12.26
C ARG B 68 14.59 31.11 13.47
N ASP B 69 14.84 32.41 13.57
CA ASP B 69 14.31 33.20 14.66
C ASP B 69 12.81 33.18 14.64
N GLY B 70 12.17 32.91 15.74
CA GLY B 70 10.72 32.92 15.76
C GLY B 70 10.10 31.53 15.80
N TYR B 71 10.90 30.52 15.47
CA TYR B 71 10.41 29.18 15.40
C TYR B 71 9.81 28.77 16.76
N PRO B 72 8.59 28.24 16.77
CA PRO B 72 7.99 27.94 18.04
C PRO B 72 8.34 26.52 18.55
N HIS B 73 9.57 26.40 19.09
CA HIS B 73 10.05 25.19 19.68
C HIS B 73 9.14 24.74 20.79
N ILE B 74 9.06 23.44 20.97
CA ILE B 74 8.14 22.82 21.93
C ILE B 74 8.48 23.28 23.35
N SER B 75 9.78 23.39 23.62
CA SER B 75 10.30 23.69 24.92
C SER B 75 11.78 24.13 24.77
N ALA B 76 12.34 24.69 25.84
CA ALA B 76 13.75 25.10 25.87
C ALA B 76 14.71 24.01 25.48
N ASP B 77 14.47 22.77 25.93
CA ASP B 77 15.38 21.63 25.57
C ASP B 77 15.40 21.32 24.10
N PHE B 78 14.22 21.31 23.49
CA PHE B 78 14.14 21.18 22.05
C PHE B 78 14.82 22.33 21.34
N LYS B 79 14.71 23.52 21.91
CA LYS B 79 15.42 24.66 21.35
C LYS B 79 16.94 24.37 21.37
N PHE B 80 17.41 23.74 22.44
CA PHE B 80 18.86 23.54 22.57
C PHE B 80 19.39 22.59 21.50
N LEU B 81 18.80 21.41 21.42
CA LEU B 81 19.17 20.43 20.39
C LEU B 81 19.57 21.04 19.04
N SER B 82 18.63 21.79 18.47
CA SER B 82 18.92 22.67 17.32
C SER B 82 20.38 23.10 17.21
N PRO B 86 21.39 19.20 15.44
CA PRO B 86 20.59 19.06 14.19
C PRO B 86 19.84 17.73 14.03
N SER B 87 19.24 17.53 12.83
CA SER B 87 18.63 16.25 12.30
C SER B 87 17.78 16.54 11.05
N PHE B 88 17.60 15.57 10.14
CA PHE B 88 16.76 15.81 8.91
C PHE B 88 15.29 16.17 9.18
N ALA B 89 14.71 15.64 10.25
CA ALA B 89 13.34 16.06 10.59
C ALA B 89 13.18 17.59 10.89
N GLY B 90 14.27 18.31 11.18
CA GLY B 90 14.21 19.74 11.60
C GLY B 90 14.73 20.61 10.50
N GLN B 91 14.59 20.13 9.29
CA GLN B 91 15.17 20.85 8.15
C GLN B 91 14.14 20.98 7.04
N ASP B 92 14.44 21.90 6.13
CA ASP B 92 13.70 22.02 4.91
C ASP B 92 14.38 21.33 3.74
N ASP B 93 13.63 21.15 2.66
CA ASP B 93 14.20 20.69 1.42
C ASP B 93 15.14 21.79 0.96
N PRO B 94 16.20 21.46 0.22
CA PRO B 94 16.48 20.16 -0.33
C PRO B 94 17.19 19.19 0.63
N GLU B 95 17.74 19.65 1.73
CA GLU B 95 18.48 18.72 2.57
C GLU B 95 17.58 17.67 3.24
N HIS B 96 16.36 18.07 3.62
CA HIS B 96 15.42 17.19 4.31
C HIS B 96 15.16 15.98 3.43
N GLY B 97 14.74 16.23 2.20
CA GLY B 97 14.48 15.11 1.30
C GLY B 97 15.70 14.29 0.89
N ARG B 98 16.86 14.93 0.80
CA ARG B 98 18.11 14.22 0.51
C ARG B 98 18.38 13.15 1.55
N ILE B 99 18.10 13.49 2.81
CA ILE B 99 18.36 12.55 3.87
C ILE B 99 17.21 11.52 3.99
N ARG B 100 15.99 12.01 3.87
CA ARG B 100 14.82 11.15 4.01
C ARG B 100 14.81 10.08 2.95
N ARG B 101 15.15 10.47 1.71
CA ARG B 101 15.28 9.48 0.67
C ARG B 101 16.14 8.30 1.04
N MET B 102 17.21 8.54 1.78
CA MET B 102 18.16 7.44 2.13
C MET B 102 17.61 6.39 3.08
N VAL B 103 16.49 6.70 3.74
CA VAL B 103 15.84 5.78 4.68
C VAL B 103 14.35 5.59 4.39
N THR B 104 13.95 5.76 3.13
CA THR B 104 12.56 5.64 2.76
C THR B 104 12.18 4.22 2.49
N LEU B 105 13.02 3.51 1.75
CA LEU B 105 12.64 2.16 1.29
C LEU B 105 12.22 1.18 2.39
N PRO B 106 12.94 1.15 3.53
CA PRO B 106 12.61 0.16 4.55
C PRO B 106 11.26 0.41 5.21
N PHE B 107 10.67 1.58 4.94
CA PHE B 107 9.40 1.95 5.58
C PHE B 107 8.21 1.88 4.65
N THR B 108 8.46 1.42 3.43
CA THR B 108 7.44 1.31 2.40
C THR B 108 6.50 0.15 2.73
N ALA B 109 5.28 0.20 2.20
CA ALA B 109 4.25 -0.79 2.53
C ALA B 109 4.71 -2.22 2.38
N ARG B 110 5.41 -2.53 1.30
CA ARG B 110 5.83 -3.88 1.09
C ARG B 110 6.87 -4.30 2.12
N ARG B 111 7.87 -3.44 2.36
CA ARG B 111 8.84 -3.77 3.37
C ARG B 111 8.22 -3.91 4.76
N ILE B 112 7.17 -3.15 5.07
CA ILE B 112 6.54 -3.28 6.40
C ILE B 112 5.69 -4.52 6.51
N GLU B 113 4.94 -4.84 5.45
CA GLU B 113 4.26 -6.13 5.40
C GLU B 113 5.22 -7.31 5.67
N ALA B 114 6.41 -7.21 5.10
CA ALA B 114 7.46 -8.21 5.28
C ALA B 114 7.94 -8.31 6.72
N MET B 115 7.81 -7.23 7.48
CA MET B 115 8.19 -7.21 8.89
C MET B 115 7.12 -7.89 9.75
N ARG B 116 5.96 -8.24 9.23
CA ARG B 116 4.90 -8.76 10.13
C ARG B 116 5.34 -9.99 10.95
N PRO B 117 6.02 -10.98 10.34
CA PRO B 117 6.45 -12.08 11.19
C PRO B 117 7.39 -11.66 12.31
N ALA B 118 8.34 -10.77 12.05
CA ALA B 118 9.27 -10.29 13.05
C ALA B 118 8.59 -9.49 14.16
N ILE B 119 7.55 -8.76 13.79
CA ILE B 119 6.86 -7.94 14.79
C ILE B 119 5.98 -8.90 15.63
N GLN B 120 5.30 -9.79 14.94
CA GLN B 120 4.53 -10.83 15.57
C GLN B 120 5.35 -11.66 16.59
N LYS B 121 6.58 -12.03 16.27
CA LYS B 121 7.39 -12.86 17.15
C LYS B 121 7.82 -12.05 18.34
N ILE B 122 8.23 -10.81 18.13
CA ILE B 122 8.53 -9.93 19.24
C ILE B 122 7.31 -9.82 20.18
N THR B 123 6.15 -9.65 19.61
CA THR B 123 4.94 -9.45 20.40
C THR B 123 4.62 -10.73 21.20
N ASP B 124 4.59 -11.87 20.51
CA ASP B 124 4.31 -13.13 21.19
C ASP B 124 5.32 -13.50 22.28
N GLU B 125 6.61 -13.25 22.06
CA GLU B 125 7.60 -13.45 23.13
C GLU B 125 7.30 -12.61 24.36
N LEU B 126 6.99 -11.34 24.17
CA LEU B 126 6.69 -10.45 25.30
C LEU B 126 5.36 -10.83 25.98
N ILE B 127 4.36 -11.27 25.22
CA ILE B 127 3.11 -11.77 25.83
C ILE B 127 3.39 -13.11 26.56
N ASP B 128 4.31 -13.91 26.04
CA ASP B 128 4.71 -15.15 26.75
C ASP B 128 5.25 -14.76 28.11
N GLY B 129 6.15 -13.78 28.17
CA GLY B 129 6.68 -13.32 29.46
C GLY B 129 5.54 -12.86 30.35
N MET B 130 4.64 -12.04 29.82
CA MET B 130 3.55 -11.58 30.67
C MET B 130 2.83 -12.76 31.29
N LEU B 131 2.45 -13.70 30.46
CA LEU B 131 1.60 -14.76 30.91
C LEU B 131 2.27 -15.75 31.87
N ALA B 132 3.59 -15.86 31.83
CA ALA B 132 4.34 -16.73 32.75
C ALA B 132 4.70 -15.98 34.05
N GLY B 133 4.55 -14.67 34.06
CA GLY B 133 4.98 -13.91 35.18
C GLY B 133 3.85 -13.55 36.10
N PRO B 134 4.16 -12.70 37.09
CA PRO B 134 3.14 -12.30 38.03
C PRO B 134 2.10 -11.35 37.48
N LYS B 135 0.98 -11.34 38.22
CA LYS B 135 -0.23 -10.61 38.01
C LYS B 135 -0.58 -9.86 39.26
N PRO B 136 -0.95 -8.58 39.16
CA PRO B 136 -0.95 -7.74 37.98
C PRO B 136 0.46 -7.39 37.52
N VAL B 137 0.56 -6.84 36.32
CA VAL B 137 1.83 -6.44 35.74
C VAL B 137 1.63 -5.12 35.00
N ASP B 138 2.66 -4.30 34.99
CA ASP B 138 2.62 -3.04 34.27
C ASP B 138 2.77 -3.25 32.78
N LEU B 139 1.73 -2.87 32.04
CA LEU B 139 1.71 -3.16 30.61
C LEU B 139 2.77 -2.30 29.93
N VAL B 140 3.12 -1.18 30.56
CA VAL B 140 4.03 -0.26 29.97
C VAL B 140 5.41 -0.89 29.86
N GLU B 141 5.88 -1.44 30.97
CA GLU B 141 7.15 -2.13 31.03
C GLU B 141 7.11 -3.43 30.31
N ALA B 142 6.01 -4.14 30.45
CA ALA B 142 5.98 -5.45 29.91
C ALA B 142 5.86 -5.53 28.37
N LEU B 143 5.24 -4.53 27.76
CA LEU B 143 4.82 -4.64 26.39
C LEU B 143 4.97 -3.40 25.59
N ALA B 144 4.47 -2.31 26.12
CA ALA B 144 4.36 -1.07 25.36
C ALA B 144 5.73 -0.51 25.00
N LEU B 145 6.66 -0.45 25.94
CA LEU B 145 8.04 0.02 25.64
C LEU B 145 8.93 -0.92 24.86
N PRO B 146 8.99 -2.20 25.26
CA PRO B 146 9.83 -3.18 24.56
C PRO B 146 9.49 -3.39 23.09
N VAL B 147 8.21 -3.49 22.71
CA VAL B 147 7.91 -3.82 21.29
C VAL B 147 8.56 -2.87 20.27
N PRO B 148 8.34 -1.57 20.40
CA PRO B 148 8.74 -0.66 19.30
C PRO B 148 10.23 -0.62 19.13
N VAL B 149 10.95 -0.64 20.24
CA VAL B 149 12.40 -0.47 20.19
C VAL B 149 13.01 -1.77 19.63
N ARG B 150 12.41 -2.89 20.01
CA ARG B 150 12.84 -4.15 19.49
C ARG B 150 12.61 -4.23 18.00
N VAL B 151 11.46 -3.74 17.55
CA VAL B 151 11.18 -3.74 16.13
C VAL B 151 12.21 -2.84 15.41
N ILE B 152 12.41 -1.65 15.91
CA ILE B 152 13.32 -0.76 15.25
C ILE B 152 14.73 -1.29 15.28
N CYS B 153 15.15 -1.89 16.41
CA CYS B 153 16.49 -2.56 16.44
C CYS B 153 16.67 -3.51 15.28
N GLU B 154 15.66 -4.28 14.97
CA GLU B 154 15.79 -5.21 13.87
C GLU B 154 15.97 -4.52 12.53
N MET B 155 15.23 -3.42 12.31
CA MET B 155 15.26 -2.74 11.04
C MET B 155 16.55 -2.02 10.87
N LEU B 156 17.14 -1.61 11.99
CA LEU B 156 18.43 -0.96 11.97
C LEU B 156 19.60 -1.92 11.68
N GLY B 157 19.43 -3.14 12.11
CA GLY B 157 20.49 -4.13 12.07
C GLY B 157 21.31 -4.13 13.35
N VAL B 158 20.67 -3.86 14.47
CA VAL B 158 21.31 -4.05 15.77
C VAL B 158 21.37 -5.55 16.08
N PRO B 159 22.59 -6.10 16.24
CA PRO B 159 22.67 -7.51 16.66
C PRO B 159 21.80 -7.84 17.86
N TYR B 160 21.21 -9.04 17.83
CA TYR B 160 20.23 -9.45 18.82
C TYR B 160 20.71 -9.18 20.24
N GLU B 161 21.98 -9.45 20.46
CA GLU B 161 22.58 -9.39 21.78
C GLU B 161 22.74 -7.98 22.37
N ASP B 162 22.83 -6.95 21.54
CA ASP B 162 22.91 -5.57 21.99
C ASP B 162 21.54 -4.98 22.21
N ARG B 163 20.50 -5.74 21.90
CA ARG B 163 19.09 -5.34 22.06
C ARG B 163 18.75 -4.73 23.40
N GLU B 164 19.10 -5.40 24.48
CA GLU B 164 18.79 -4.95 25.83
C GLU B 164 19.48 -3.66 26.20
N PHE B 165 20.72 -3.48 25.73
CA PHE B 165 21.46 -2.27 25.99
C PHE B 165 20.79 -1.08 25.36
N LEU B 166 20.43 -1.22 24.07
CA LEU B 166 19.70 -0.17 23.35
C LEU B 166 18.36 0.12 23.98
N GLN B 167 17.65 -0.94 24.32
CA GLN B 167 16.39 -0.78 25.03
C GLN B 167 16.49 -0.03 26.35
N GLN B 168 17.42 -0.43 27.20
CA GLN B 168 17.52 0.31 28.44
C GLN B 168 17.93 1.74 28.23
N ASN B 169 18.85 1.98 27.28
CA ASN B 169 19.22 3.35 26.99
C ASN B 169 18.05 4.18 26.57
N ASN B 170 17.27 3.65 25.64
CA ASN B 170 16.12 4.37 25.10
C ASN B 170 15.02 4.54 26.21
N ASN B 171 14.75 3.46 26.96
CA ASN B 171 13.86 3.55 28.17
C ASN B 171 14.35 4.63 29.12
N ALA B 172 15.65 4.73 29.32
CA ALA B 172 16.15 5.69 30.28
C ALA B 172 15.84 7.13 29.85
N MET B 173 15.88 7.39 28.55
CA MET B 173 15.62 8.72 28.01
C MET B 173 14.13 9.02 28.09
N ILE B 174 13.30 8.05 28.45
CA ILE B 174 11.87 8.22 28.49
C ILE B 174 11.33 8.36 29.91
N TYR B 175 11.90 7.64 30.86
CA TYR B 175 11.35 7.61 32.22
C TYR B 175 11.36 8.99 32.85
N ARG B 176 10.29 9.36 33.59
CA ARG B 176 10.23 10.68 34.31
C ARG B 176 11.28 10.76 35.43
N ASP B 177 11.53 9.64 36.06
CA ASP B 177 12.44 9.58 37.20
C ASP B 177 13.92 9.44 36.81
N THR B 178 14.24 9.44 35.51
CA THR B 178 15.66 9.51 35.07
C THR B 178 16.14 10.94 35.22
N ALA B 179 17.29 11.11 35.85
CA ALA B 179 17.83 12.43 36.02
C ALA B 179 18.41 12.80 34.68
N GLN B 180 18.18 14.04 34.28
CA GLN B 180 18.60 14.50 32.95
C GLN B 180 20.03 14.18 32.63
N GLY B 181 20.91 14.36 33.60
CA GLY B 181 22.30 13.96 33.44
C GLY B 181 22.46 12.54 32.96
N ASP B 182 21.62 11.63 33.47
CA ASP B 182 21.71 10.20 33.11
C ASP B 182 21.05 9.98 31.73
N ALA B 183 19.92 10.62 31.50
CA ALA B 183 19.35 10.67 30.15
C ALA B 183 20.40 11.07 29.09
N GLN B 184 21.27 12.04 29.40
CA GLN B 184 22.29 12.51 28.44
C GLN B 184 23.43 11.56 28.29
N LYS B 185 23.73 10.82 29.34
CA LYS B 185 24.73 9.80 29.23
C LYS B 185 24.19 8.65 28.37
N ALA B 186 22.90 8.32 28.58
CA ALA B 186 22.22 7.29 27.79
C ALA B 186 22.17 7.70 26.30
N ALA B 187 21.87 8.97 26.03
CA ALA B 187 21.87 9.45 24.66
C ALA B 187 23.29 9.35 24.06
N ILE B 188 24.31 9.78 24.82
CA ILE B 188 25.69 9.69 24.35
C ILE B 188 26.06 8.24 24.05
N ALA B 189 25.68 7.35 24.96
CA ALA B 189 25.91 5.96 24.76
C ALA B 189 25.25 5.43 23.43
N GLN B 190 24.00 5.84 23.13
CA GLN B 190 23.33 5.36 21.89
C GLN B 190 24.06 5.80 20.61
N ALA B 191 24.44 7.06 20.60
CA ALA B 191 25.20 7.65 19.51
C ALA B 191 26.52 6.96 19.27
N MET B 192 27.31 6.79 20.33
CA MET B 192 28.58 6.11 20.20
C MET B 192 28.36 4.70 19.67
N TYR B 193 27.35 4.02 20.20
CA TYR B 193 27.11 2.66 19.78
C TYR B 193 26.69 2.56 18.30
N LEU B 194 25.77 3.45 17.92
CA LEU B 194 25.33 3.45 16.52
C LEU B 194 26.50 3.87 15.60
N LYS B 195 27.29 4.87 15.98
CA LYS B 195 28.48 5.21 15.21
C LYS B 195 29.39 4.01 15.02
N GLU B 196 29.60 3.25 16.10
CA GLU B 196 30.43 2.06 16.03
C GLU B 196 29.81 1.05 15.06
N LEU B 197 28.53 0.77 15.23
CA LEU B 197 27.86 -0.21 14.40
C LEU B 197 27.86 0.17 12.93
N VAL B 198 27.61 1.43 12.63
CA VAL B 198 27.80 1.88 11.24
C VAL B 198 29.24 1.60 10.71
N GLY B 199 30.27 1.89 11.50
CA GLY B 199 31.66 1.49 11.13
C GLY B 199 31.74 0.01 10.79
N THR B 200 31.13 -0.82 11.60
CA THR B 200 31.07 -2.26 11.38
C THR B 200 30.42 -2.67 10.08
N LYS B 201 29.38 -1.95 9.69
CA LYS B 201 28.59 -2.32 8.53
C LYS B 201 29.34 -1.95 7.26
N LEU B 202 30.25 -0.98 7.34
CA LEU B 202 31.11 -0.61 6.20
C LEU B 202 31.70 -1.90 5.56
N GLY B 203 32.13 -2.87 6.40
CA GLY B 203 32.57 -4.23 5.97
C GLY B 203 31.92 -5.40 6.70
N GLY B 206 25.54 -5.61 5.68
CA GLY B 206 24.22 -6.19 6.00
C GLY B 206 23.02 -5.79 5.11
N ASP B 207 21.80 -6.05 5.61
CA ASP B 207 20.57 -5.82 4.92
C ASP B 207 19.53 -5.11 5.79
N ASP B 208 19.87 -3.91 6.18
CA ASP B 208 19.18 -3.19 7.22
C ASP B 208 19.57 -1.76 6.98
N ILE B 209 18.99 -0.87 7.78
CA ILE B 209 19.10 0.58 7.58
C ILE B 209 20.54 1.08 7.74
N LEU B 210 21.24 0.56 8.74
CA LEU B 210 22.56 1.04 8.98
C LEU B 210 23.55 0.60 7.89
N SER B 211 23.31 -0.54 7.26
CA SER B 211 24.03 -0.95 6.07
C SER B 211 23.70 -0.02 4.90
N ASP B 212 22.43 0.36 4.74
CA ASP B 212 22.06 1.32 3.71
C ASP B 212 22.78 2.62 3.97
N LEU B 213 22.94 2.98 5.24
CA LEU B 213 23.52 4.25 5.57
C LEU B 213 25.06 4.15 5.38
N ALA B 214 25.61 2.98 5.63
CA ALA B 214 27.04 2.77 5.42
C ALA B 214 27.43 2.91 3.93
N VAL B 215 26.53 2.51 3.05
CA VAL B 215 26.72 2.74 1.63
C VAL B 215 26.91 4.21 1.38
N GLN B 216 26.04 5.04 1.93
CA GLN B 216 26.10 6.47 1.75
C GLN B 216 27.35 7.04 2.36
N VAL B 217 27.75 6.53 3.51
CA VAL B 217 28.98 6.98 4.11
C VAL B 217 30.12 6.69 3.14
N GLU B 218 30.17 5.48 2.63
CA GLU B 218 31.26 5.08 1.74
C GLU B 218 31.27 5.91 0.50
N ALA B 219 30.10 6.31 0.06
CA ALA B 219 29.96 7.08 -1.14
C ALA B 219 30.27 8.55 -0.94
N GLY B 220 30.46 8.99 0.29
CA GLY B 220 30.74 10.37 0.51
C GLY B 220 29.51 11.24 0.65
N GLU B 221 28.31 10.66 0.72
CA GLU B 221 27.07 11.48 0.83
C GLU B 221 26.81 12.01 2.23
N ILE B 222 27.20 11.27 3.24
CA ILE B 222 27.07 11.68 4.64
C ILE B 222 28.30 11.19 5.36
N THR B 223 28.56 11.74 6.53
CA THR B 223 29.64 11.22 7.37
C THR B 223 29.07 10.12 8.23
N GLN B 224 30.01 9.35 8.75
CA GLN B 224 29.76 8.37 9.75
C GLN B 224 28.97 8.91 10.93
N ASP B 225 29.31 10.12 11.40
CA ASP B 225 28.53 10.79 12.43
C ASP B 225 27.09 10.99 12.00
N ASP B 226 26.91 11.47 10.78
CA ASP B 226 25.58 11.71 10.27
C ASP B 226 24.84 10.39 10.31
N ALA B 227 25.48 9.35 9.81
CA ALA B 227 24.80 8.04 9.81
C ALA B 227 24.27 7.72 11.19
N ALA B 228 25.09 7.98 12.19
CA ALA B 228 24.75 7.63 13.51
C ALA B 228 23.60 8.48 14.01
N GLY B 229 23.59 9.77 13.66
CA GLY B 229 22.50 10.67 14.02
C GLY B 229 21.17 10.21 13.42
N ILE B 230 21.23 9.68 12.23
CA ILE B 230 19.97 9.29 11.56
C ILE B 230 19.40 8.08 12.23
N GLY B 231 20.27 7.09 12.48
CA GLY B 231 19.94 5.98 13.32
C GLY B 231 19.35 6.39 14.66
N MET B 232 19.99 7.34 15.33
CA MET B 232 19.52 7.83 16.61
C MET B 232 18.09 8.38 16.51
N MET B 233 17.89 9.16 15.46
CA MET B 233 16.65 9.79 15.26
C MET B 233 15.54 8.79 14.96
N LEU B 234 15.84 7.77 14.18
CA LEU B 234 14.84 6.73 13.97
C LEU B 234 14.52 6.01 15.26
N LEU B 235 15.53 5.70 16.02
CA LEU B 235 15.34 5.12 17.35
C LEU B 235 14.44 5.91 18.26
N GLY B 236 14.69 7.21 18.40
CA GLY B 236 13.88 8.06 19.23
C GLY B 236 12.47 8.12 18.72
N ALA B 237 12.34 8.48 17.44
CA ALA B 237 11.06 8.80 16.82
C ALA B 237 10.04 7.70 16.92
N GLY B 238 10.53 6.47 16.82
CA GLY B 238 9.66 5.38 16.71
C GLY B 238 9.27 4.73 18.01
N HIS B 239 9.84 5.21 19.13
CA HIS B 239 9.74 4.44 20.35
C HIS B 239 8.60 4.92 21.26
N GLU B 240 8.74 6.09 21.84
CA GLU B 240 7.85 6.53 22.81
C GLU B 240 6.48 6.72 22.25
N THR B 241 6.40 7.28 21.06
CA THR B 241 5.13 7.45 20.35
C THR B 241 4.36 6.15 20.25
N THR B 242 5.02 5.12 19.73
CA THR B 242 4.36 3.84 19.55
C THR B 242 4.00 3.21 20.89
N ALA B 243 4.92 3.31 21.85
CA ALA B 243 4.61 2.80 23.18
C ALA B 243 3.40 3.45 23.82
N ASN B 244 3.31 4.76 23.66
CA ASN B 244 2.18 5.49 24.21
C ASN B 244 0.90 5.04 23.59
N MET B 245 0.93 4.80 22.28
CA MET B 245 -0.24 4.27 21.59
C MET B 245 -0.64 2.86 22.10
N ILE B 246 0.33 2.01 22.34
CA ILE B 246 0.04 0.66 22.82
C ILE B 246 -0.65 0.69 24.16
N ALA B 247 -0.08 1.46 25.09
CA ALA B 247 -0.60 1.55 26.40
C ALA B 247 -1.91 2.32 26.53
N LEU B 248 -1.93 3.53 25.99
CA LEU B 248 -3.14 4.34 25.97
C LEU B 248 -4.26 3.69 25.15
N GLY B 249 -3.88 3.06 24.04
CA GLY B 249 -4.83 2.42 23.21
C GLY B 249 -5.47 1.26 23.96
N THR B 250 -4.64 0.47 24.62
CA THR B 250 -5.18 -0.60 25.41
C THR B 250 -6.14 -0.12 26.50
N LEU B 251 -5.79 0.99 27.11
CA LEU B 251 -6.60 1.50 28.19
C LEU B 251 -7.90 1.99 27.63
N ALA B 252 -7.84 2.67 26.49
CA ALA B 252 -9.06 3.13 25.84
C ALA B 252 -9.98 1.95 25.53
N LEU B 253 -9.40 0.86 25.05
CA LEU B 253 -10.21 -0.34 24.82
C LEU B 253 -10.80 -0.89 26.11
N LEU B 254 -9.98 -0.93 27.16
CA LEU B 254 -10.46 -1.47 28.39
C LEU B 254 -11.60 -0.63 28.93
N GLU B 255 -11.50 0.69 28.76
CA GLU B 255 -12.58 1.58 29.14
C GLU B 255 -13.81 1.55 28.21
N ASN B 256 -13.73 0.87 27.07
CA ASN B 256 -14.84 0.72 26.13
C ASN B 256 -15.09 -0.74 25.84
N PRO B 257 -15.48 -1.47 26.90
CA PRO B 257 -15.49 -2.94 26.89
C PRO B 257 -16.23 -3.61 25.76
N GLU B 258 -17.36 -3.04 25.32
CA GLU B 258 -18.14 -3.60 24.23
C GLU B 258 -17.35 -3.55 22.88
N GLN B 259 -16.64 -2.45 22.67
CA GLN B 259 -15.81 -2.33 21.49
C GLN B 259 -14.55 -3.18 21.60
N LEU B 260 -13.93 -3.27 22.78
CA LEU B 260 -12.86 -4.29 22.94
C LEU B 260 -13.31 -5.66 22.48
N ALA B 261 -14.48 -6.09 22.94
CA ALA B 261 -14.95 -7.46 22.66
C ALA B 261 -15.08 -7.70 21.18
N GLU B 262 -15.60 -6.70 20.51
CA GLU B 262 -15.69 -6.70 19.06
C GLU B 262 -14.34 -6.83 18.34
N VAL B 263 -13.38 -6.00 18.72
CA VAL B 263 -12.04 -6.09 18.14
C VAL B 263 -11.47 -7.47 18.39
N ARG B 264 -11.58 -7.96 19.60
CA ARG B 264 -11.07 -9.28 19.90
C ARG B 264 -11.80 -10.42 19.15
N ASP B 265 -13.12 -10.34 19.13
CA ASP B 265 -13.94 -11.45 18.70
C ASP B 265 -14.41 -11.42 17.26
N SER B 266 -14.40 -10.26 16.63
CA SER B 266 -14.79 -10.19 15.21
C SER B 266 -13.90 -11.07 14.39
N ASP B 267 -14.50 -11.78 13.44
CA ASP B 267 -13.76 -12.60 12.52
C ASP B 267 -13.39 -11.79 11.26
N ASP B 268 -13.69 -10.49 11.26
CA ASP B 268 -13.44 -9.63 10.10
C ASP B 268 -12.12 -8.90 10.28
N PRO B 269 -11.08 -9.25 9.49
CA PRO B 269 -9.78 -8.60 9.57
C PRO B 269 -9.77 -7.08 9.43
N LYS B 270 -10.78 -6.50 8.80
CA LYS B 270 -10.89 -5.04 8.67
C LYS B 270 -11.05 -4.38 10.05
N VAL B 271 -11.66 -5.06 11.03
CA VAL B 271 -11.99 -4.42 12.31
C VAL B 271 -10.74 -3.99 13.09
N ILE B 272 -9.71 -4.83 13.10
CA ILE B 272 -8.45 -4.42 13.77
C ILE B 272 -7.84 -3.20 13.02
N VAL B 273 -7.96 -3.18 11.69
CA VAL B 273 -7.46 -2.12 10.90
C VAL B 273 -8.15 -0.80 11.25
N ASN B 274 -9.49 -0.82 11.29
CA ASN B 274 -10.30 0.39 11.66
C ASN B 274 -10.04 0.83 13.08
N THR B 275 -9.87 -0.13 13.98
CA THR B 275 -9.68 0.12 15.40
C THR B 275 -8.39 0.89 15.60
N VAL B 276 -7.32 0.51 14.90
CA VAL B 276 -6.05 1.24 15.02
C VAL B 276 -6.22 2.69 14.55
N GLU B 277 -6.98 2.90 13.46
CA GLU B 277 -7.11 4.25 12.94
C GLU B 277 -7.91 5.10 13.89
N GLU B 278 -9.01 4.53 14.41
CA GLU B 278 -9.80 5.24 15.35
C GLU B 278 -9.00 5.54 16.60
N LEU B 279 -8.24 4.60 17.10
CA LEU B 279 -7.42 4.92 18.27
C LEU B 279 -6.41 6.02 17.94
N LEU B 280 -5.77 5.93 16.76
CA LEU B 280 -4.80 7.00 16.38
C LEU B 280 -5.50 8.37 16.43
N ARG B 281 -6.71 8.44 15.86
CA ARG B 281 -7.47 9.70 15.81
C ARG B 281 -7.95 10.12 17.19
N TYR B 282 -8.57 9.18 17.92
CA TYR B 282 -9.16 9.47 19.23
C TYR B 282 -8.14 10.00 20.22
N LEU B 283 -6.97 9.35 20.31
CA LEU B 283 -5.95 9.72 21.28
C LEU B 283 -4.96 10.79 20.79
N THR B 284 -4.72 10.88 19.48
CA THR B 284 -3.68 11.80 18.92
C THR B 284 -2.54 12.15 19.88
N ILE B 285 -1.75 11.15 20.21
CA ILE B 285 -0.74 11.30 21.21
C ILE B 285 0.35 12.29 20.81
N ALA B 286 0.50 12.59 19.52
CA ALA B 286 1.52 13.58 19.13
C ALA B 286 1.05 15.02 19.40
N GLN B 287 -0.23 15.18 19.78
CA GLN B 287 -0.77 16.46 20.23
C GLN B 287 -0.26 17.66 19.39
N ASP B 288 0.30 18.66 20.06
CA ASP B 288 0.85 19.88 19.42
C ASP B 288 2.34 19.83 19.25
N THR B 289 2.88 18.65 19.00
CA THR B 289 4.33 18.53 18.72
C THR B 289 4.75 19.00 17.34
N VAL B 290 3.78 19.30 16.48
CA VAL B 290 4.06 19.75 15.15
C VAL B 290 4.17 21.28 15.12
N ARG B 291 5.34 21.76 14.70
CA ARG B 291 5.67 23.16 14.81
C ARG B 291 6.33 23.64 13.55
N ARG B 292 5.95 24.81 13.08
CA ARG B 292 6.56 25.40 11.91
C ARG B 292 6.72 26.90 12.12
N ILE B 293 7.37 27.53 11.12
CA ILE B 293 7.47 28.97 11.03
C ILE B 293 7.20 29.45 9.60
N ALA B 294 6.46 30.54 9.47
CA ALA B 294 6.10 31.05 8.15
C ALA B 294 7.39 31.66 7.55
N ALA B 295 7.77 31.25 6.35
CA ALA B 295 9.02 31.84 5.70
C ALA B 295 8.69 33.07 4.85
N GLU B 296 7.42 33.17 4.51
CA GLU B 296 6.81 34.27 3.75
C GLU B 296 5.44 34.46 4.41
N ASP B 297 4.81 35.58 4.13
CA ASP B 297 3.48 35.86 4.67
C ASP B 297 2.54 34.85 4.06
N ILE B 298 1.49 34.49 4.80
CA ILE B 298 0.55 33.53 4.38
C ILE B 298 -0.81 34.01 4.79
N GLU B 299 -1.72 34.09 3.85
CA GLU B 299 -3.07 34.45 4.20
C GLU B 299 -3.90 33.21 4.27
N ILE B 300 -4.65 33.06 5.34
CA ILE B 300 -5.45 31.88 5.54
C ILE B 300 -6.56 32.23 6.53
N GLY B 301 -7.76 31.69 6.33
CA GLY B 301 -8.85 31.85 7.26
C GLY B 301 -9.17 33.28 7.64
N GLY B 302 -8.87 34.22 6.75
CA GLY B 302 -9.10 35.66 7.03
C GLY B 302 -8.04 36.32 7.90
N VAL B 303 -6.90 35.69 8.13
CA VAL B 303 -5.84 36.39 8.85
C VAL B 303 -4.60 36.33 7.97
N VAL B 304 -3.56 36.96 8.44
CA VAL B 304 -2.30 37.00 7.66
C VAL B 304 -1.27 36.54 8.63
N ILE B 305 -0.71 35.38 8.39
CA ILE B 305 0.41 34.92 9.19
C ILE B 305 1.60 35.59 8.55
N LYS B 306 2.37 36.33 9.34
CA LYS B 306 3.50 37.13 8.77
C LYS B 306 4.78 36.29 8.78
N ALA B 307 5.66 36.54 7.80
CA ALA B 307 6.96 35.92 7.73
C ALA B 307 7.59 36.02 9.08
N GLY B 308 8.19 34.95 9.55
CA GLY B 308 8.86 34.96 10.84
C GLY B 308 7.98 34.67 12.00
N GLU B 309 6.69 34.53 11.78
CA GLU B 309 5.81 34.11 12.86
C GLU B 309 5.66 32.58 12.95
N GLY B 310 5.69 32.08 14.17
CA GLY B 310 5.53 30.68 14.43
C GLY B 310 4.10 30.21 14.29
N ILE B 311 4.00 28.90 14.04
CA ILE B 311 2.74 28.21 13.86
C ILE B 311 2.79 26.89 14.63
N VAL B 312 1.76 26.69 15.46
CA VAL B 312 1.58 25.54 16.31
C VAL B 312 0.34 24.78 15.87
N PHE B 313 0.49 23.45 15.74
CA PHE B 313 -0.44 22.54 15.12
C PHE B 313 -0.87 21.47 16.11
N PRO B 314 -1.98 21.72 16.79
CA PRO B 314 -2.51 20.76 17.72
C PRO B 314 -3.28 19.76 16.92
N LEU B 315 -2.57 18.69 16.56
CA LEU B 315 -3.11 17.61 15.73
C LEU B 315 -4.39 17.03 16.39
N ASN B 316 -4.39 17.08 17.69
CA ASN B 316 -5.47 16.54 18.48
C ASN B 316 -6.75 17.35 18.35
N ALA B 317 -6.60 18.63 18.03
CA ALA B 317 -7.67 19.49 17.67
C ALA B 317 -8.23 19.16 16.32
N ALA B 318 -7.34 19.03 15.32
CA ALA B 318 -7.76 18.66 14.00
C ALA B 318 -8.45 17.30 13.99
N ASN B 319 -8.00 16.35 14.78
CA ASN B 319 -8.62 15.05 14.78
C ASN B 319 -9.94 14.97 15.59
N TRP B 320 -10.31 16.05 16.22
CA TRP B 320 -11.64 16.13 16.91
C TRP B 320 -12.46 17.23 16.27
N ASP B 321 -12.06 17.66 15.08
CA ASP B 321 -12.71 18.77 14.30
C ASP B 321 -14.06 18.34 13.76
N PRO B 322 -15.17 19.01 14.21
CA PRO B 322 -16.50 18.57 13.77
C PRO B 322 -16.82 18.94 12.33
N ASP B 323 -16.00 19.76 11.67
CA ASP B 323 -16.08 19.91 10.21
C ASP B 323 -15.81 18.56 9.52
N LEU B 324 -14.99 17.70 10.11
CA LEU B 324 -14.65 16.41 9.54
C LEU B 324 -15.26 15.27 10.33
N TYR B 325 -15.32 15.37 11.65
CA TYR B 325 -15.85 14.29 12.53
C TYR B 325 -17.04 14.82 13.34
N PRO B 326 -18.16 15.06 12.68
CA PRO B 326 -19.28 15.70 13.38
C PRO B 326 -19.93 14.79 14.44
N GLU B 327 -19.94 13.48 14.19
CA GLU B 327 -20.61 12.55 15.09
C GLU B 327 -19.79 12.15 16.28
N ALA B 328 -20.00 12.84 17.40
CA ALA B 328 -19.33 12.55 18.68
C ALA B 328 -17.84 12.21 18.50
N PRO B 329 -17.02 13.20 18.03
CA PRO B 329 -15.59 12.91 17.85
C PRO B 329 -14.93 12.66 19.19
N ASP B 330 -15.65 12.98 20.28
CA ASP B 330 -15.19 12.78 21.63
C ASP B 330 -15.52 11.44 22.24
N ARG B 331 -16.11 10.55 21.47
CA ARG B 331 -16.25 9.14 21.79
C ARG B 331 -15.36 8.27 20.91
N LEU B 332 -14.99 7.11 21.44
CA LEU B 332 -14.30 6.07 20.67
C LEU B 332 -15.31 5.34 19.89
N ASP B 333 -15.11 5.28 18.58
CA ASP B 333 -15.98 4.46 17.78
C ASP B 333 -15.13 3.74 16.75
N ILE B 334 -14.89 2.45 16.99
CA ILE B 334 -14.04 1.68 16.05
C ILE B 334 -14.54 1.49 14.64
N HIS B 335 -15.81 1.80 14.42
CA HIS B 335 -16.41 1.75 13.10
C HIS B 335 -16.45 3.09 12.42
N ARG B 336 -15.92 4.10 13.05
CA ARG B 336 -16.01 5.41 12.50
C ARG B 336 -15.49 5.32 11.07
N ALA B 337 -16.32 5.65 10.11
CA ALA B 337 -15.99 5.35 8.70
C ALA B 337 -14.87 6.25 8.13
N ASN B 338 -14.62 7.31 8.87
CA ASN B 338 -13.90 8.47 8.54
C ASN B 338 -12.48 8.52 9.18
N ALA B 339 -12.26 7.63 10.13
CA ALA B 339 -11.10 7.66 11.02
C ALA B 339 -9.79 7.83 10.28
N ARG B 340 -9.59 7.13 9.17
CA ARG B 340 -8.30 7.15 8.48
C ARG B 340 -7.94 8.52 7.91
N ARG B 341 -8.90 9.44 7.87
CA ARG B 341 -8.55 10.82 7.49
C ARG B 341 -7.74 11.58 8.56
N HIS B 342 -7.42 10.93 9.70
CA HIS B 342 -6.83 11.65 10.80
C HIS B 342 -5.45 12.22 10.47
N LEU B 343 -4.99 13.16 11.29
CA LEU B 343 -3.61 13.66 11.12
C LEU B 343 -2.67 13.30 12.26
N ALA B 344 -2.90 12.16 12.92
CA ALA B 344 -2.09 11.69 14.01
C ALA B 344 -0.59 11.54 13.59
N PHE B 345 -0.34 11.31 12.32
CA PHE B 345 1.07 11.23 11.77
C PHE B 345 1.50 12.51 11.09
N GLY B 346 0.74 13.55 11.35
CA GLY B 346 0.99 14.84 10.74
C GLY B 346 0.59 14.86 9.33
N TYR B 347 1.28 15.68 8.55
CA TYR B 347 0.91 15.86 7.16
C TYR B 347 2.01 16.59 6.36
N GLY B 348 2.00 16.41 5.09
CA GLY B 348 2.95 17.09 4.18
C GLY B 348 4.26 16.35 4.09
N VAL B 349 5.31 17.03 3.69
CA VAL B 349 6.58 16.34 3.46
C VAL B 349 7.24 15.76 4.74
N HIS B 350 6.87 16.21 5.91
CA HIS B 350 7.40 15.66 7.12
C HIS B 350 6.43 14.64 7.76
N GLN B 351 5.37 14.31 7.07
CA GLN B 351 4.49 13.26 7.55
C GLN B 351 5.27 12.03 8.05
N CYS B 352 4.84 11.48 9.18
CA CYS B 352 5.47 10.30 9.76
C CYS B 352 6.02 9.28 8.79
N LEU B 353 7.36 9.21 8.74
CA LEU B 353 8.05 8.17 8.00
C LEU B 353 7.65 6.76 8.42
N GLY B 354 7.40 6.60 9.71
CA GLY B 354 7.04 5.34 10.26
C GLY B 354 5.57 5.06 10.30
N ALA B 355 4.76 5.80 9.58
CA ALA B 355 3.29 5.66 9.79
C ALA B 355 2.75 4.24 9.47
N THR B 356 3.32 3.59 8.43
CA THR B 356 2.86 2.28 8.04
C THR B 356 3.34 1.25 9.06
N LEU B 357 4.57 1.41 9.52
CA LEU B 357 5.12 0.57 10.52
C LEU B 357 4.29 0.67 11.81
N ALA B 358 3.97 1.90 12.22
CA ALA B 358 3.17 2.09 13.43
C ALA B 358 1.81 1.47 13.34
N ARG B 359 1.14 1.65 12.22
CA ARG B 359 -0.14 1.04 11.98
C ARG B 359 -0.09 -0.46 12.15
N VAL B 360 0.89 -1.08 11.51
CA VAL B 360 1.04 -2.51 11.53
C VAL B 360 1.48 -3.00 12.89
N GLU B 361 2.34 -2.27 13.60
CA GLU B 361 2.75 -2.64 14.93
C GLU B 361 1.54 -2.65 15.84
N LEU B 362 0.69 -1.66 15.75
CA LEU B 362 -0.46 -1.58 16.67
C LEU B 362 -1.48 -2.61 16.34
N GLN B 363 -1.70 -2.90 15.05
CA GLN B 363 -2.67 -3.93 14.68
C GLN B 363 -2.27 -5.25 15.32
N ILE B 364 -0.99 -5.59 15.17
CA ILE B 364 -0.46 -6.81 15.73
C ILE B 364 -0.46 -6.89 17.26
N VAL B 365 -0.03 -5.82 17.91
CA VAL B 365 0.06 -5.78 19.36
C VAL B 365 -1.36 -5.86 20.00
N TYR B 366 -2.27 -5.00 19.56
CA TYR B 366 -3.61 -5.00 20.12
C TYR B 366 -4.30 -6.36 19.91
N SER B 367 -4.22 -6.90 18.68
CA SER B 367 -4.96 -8.10 18.36
C SER B 367 -4.36 -9.29 19.09
N THR B 368 -3.04 -9.37 19.14
CA THR B 368 -2.40 -10.45 19.80
C THR B 368 -2.60 -10.38 21.28
N LEU B 369 -2.51 -9.16 21.82
CA LEU B 369 -2.75 -8.93 23.23
C LEU B 369 -4.15 -9.39 23.66
N LEU B 370 -5.18 -9.00 22.93
CA LEU B 370 -6.54 -9.34 23.34
C LEU B 370 -6.89 -10.81 23.07
N ARG B 371 -6.40 -11.37 21.98
CA ARG B 371 -6.64 -12.79 21.67
C ARG B 371 -5.90 -13.71 22.66
N ARG B 372 -4.66 -13.36 23.05
CA ARG B 372 -3.96 -14.21 23.99
C ARG B 372 -4.37 -13.98 25.45
N ILE B 373 -4.93 -12.80 25.73
CA ILE B 373 -5.35 -12.43 27.10
C ILE B 373 -6.78 -11.96 27.01
N PRO B 374 -7.69 -12.91 26.73
CA PRO B 374 -9.06 -12.51 26.53
C PRO B 374 -9.69 -11.92 27.77
N THR B 375 -9.16 -12.22 28.94
CA THR B 375 -9.72 -11.71 30.21
C THR B 375 -9.00 -10.47 30.73
N LEU B 376 -8.20 -9.84 29.89
CA LEU B 376 -7.48 -8.64 30.26
C LEU B 376 -8.39 -7.66 31.01
N ALA B 377 -7.88 -7.12 32.11
CA ALA B 377 -8.60 -6.19 32.92
C ALA B 377 -7.65 -5.18 33.54
N LEU B 378 -8.11 -3.95 33.64
CA LEU B 378 -7.41 -2.97 34.42
C LEU B 378 -7.31 -3.52 35.85
N ALA B 379 -6.13 -3.43 36.46
CA ALA B 379 -5.96 -3.97 37.81
C ALA B 379 -6.57 -2.98 38.82
N GLY B 380 -6.47 -1.68 38.56
CA GLY B 380 -7.23 -0.66 39.33
C GLY B 380 -8.36 0.05 38.58
N THR B 381 -8.45 1.38 38.74
CA THR B 381 -9.43 2.20 38.02
C THR B 381 -8.74 3.33 37.32
N LEU B 382 -9.45 3.89 36.36
CA LEU B 382 -8.98 4.98 35.50
C LEU B 382 -8.32 6.09 36.29
N ASP B 383 -9.03 6.58 37.28
CA ASP B 383 -8.53 7.64 38.16
C ASP B 383 -7.27 7.26 38.94
N GLU B 384 -6.97 5.99 39.12
CA GLU B 384 -5.66 5.66 39.70
C GLU B 384 -4.52 5.63 38.63
N ILE B 385 -4.80 5.84 37.34
CA ILE B 385 -3.75 5.67 36.30
C ILE B 385 -2.99 6.97 36.17
N PRO B 386 -1.65 6.92 36.26
CA PRO B 386 -0.95 8.19 36.11
C PRO B 386 -0.73 8.55 34.65
N PHE B 387 -1.38 9.61 34.21
CA PHE B 387 -1.19 10.10 32.85
C PHE B 387 0.03 11.01 32.68
N LYS B 388 0.52 11.10 31.46
CA LYS B 388 1.66 11.96 31.15
C LYS B 388 1.21 13.43 30.83
N HIS B 389 0.43 14.01 31.74
CA HIS B 389 -0.05 15.38 31.63
C HIS B 389 1.11 16.35 31.49
N ASP B 390 2.20 16.07 32.19
CA ASP B 390 3.38 16.93 32.18
C ASP B 390 4.33 16.75 30.98
N GLN B 391 3.87 16.20 29.85
CA GLN B 391 4.77 15.90 28.75
C GLN B 391 4.28 16.34 27.41
N ILE B 392 5.20 16.29 26.47
CA ILE B 392 4.96 16.69 25.10
C ILE B 392 4.11 15.60 24.39
N ALA B 393 4.39 14.33 24.67
CA ALA B 393 3.56 13.26 24.10
C ALA B 393 2.53 12.81 25.14
N HIS B 394 1.31 12.53 24.72
CA HIS B 394 0.25 12.03 25.61
C HIS B 394 0.37 10.50 25.85
N GLY B 395 0.10 10.07 27.07
CA GLY B 395 0.28 8.69 27.44
C GLY B 395 0.10 8.44 28.91
N VAL B 396 0.51 7.26 29.35
CA VAL B 396 0.42 6.91 30.76
C VAL B 396 1.77 6.43 31.23
N TYR B 397 2.17 6.79 32.42
CA TYR B 397 3.43 6.33 32.99
C TYR B 397 3.41 4.83 33.36
N GLU B 398 2.24 4.31 33.70
CA GLU B 398 2.08 2.94 34.09
C GLU B 398 0.65 2.50 33.85
N LEU B 399 0.49 1.21 33.62
CA LEU B 399 -0.78 0.63 33.31
C LEU B 399 -0.91 -0.77 33.92
N PRO B 400 -1.35 -0.82 35.17
CA PRO B 400 -1.44 -2.13 35.80
C PRO B 400 -2.57 -2.93 35.23
N VAL B 401 -2.26 -4.10 34.70
CA VAL B 401 -3.29 -4.96 34.16
C VAL B 401 -3.22 -6.36 34.76
N THR B 402 -4.34 -7.08 34.68
CA THR B 402 -4.43 -8.42 35.17
C THR B 402 -5.32 -9.23 34.24
N TRP B 403 -5.55 -10.51 34.51
CA TRP B 403 -6.40 -11.36 33.65
C TRP B 403 -6.96 -12.64 34.38
CHA HEM C . -11.31 -11.74 -19.36
CHB HEM C . -6.86 -10.34 -20.44
CHC HEM C . -7.45 -6.26 -17.91
CHD HEM C . -11.60 -8.02 -16.40
C1A HEM C . -10.10 -11.65 -19.90
C2A HEM C . -9.55 -12.63 -20.74
C3A HEM C . -8.27 -12.24 -21.07
C4A HEM C . -8.04 -11.03 -20.39
CMA HEM C . -7.30 -12.96 -21.98
CAA HEM C . -10.21 -13.84 -21.29
CBA HEM C . -10.18 -15.05 -20.36
CGA HEM C . -10.84 -16.22 -20.98
O1A HEM C . -11.31 -16.20 -22.12
O2A HEM C . -10.82 -17.28 -20.35
C1B HEM C . -6.62 -9.11 -19.83
C2B HEM C . -5.43 -8.33 -20.00
C3B HEM C . -5.61 -7.17 -19.30
C4B HEM C . -6.92 -7.27 -18.70
CMB HEM C . -4.26 -8.72 -20.81
CAB HEM C . -4.80 -5.99 -19.08
CBB HEM C . -3.64 -5.86 -19.71
C1C HEM C . -8.67 -6.34 -17.25
C2C HEM C . -9.28 -5.37 -16.47
C3C HEM C . -10.48 -5.92 -16.02
C4C HEM C . -10.53 -7.21 -16.55
CMC HEM C . -8.67 -3.96 -16.26
CAC HEM C . -11.63 -5.49 -15.17
CBC HEM C . -11.65 -4.39 -14.50
C1D HEM C . -11.79 -9.17 -17.13
C2D HEM C . -13.06 -9.97 -16.91
C3D HEM C . -13.00 -11.03 -17.76
C4D HEM C . -11.68 -10.84 -18.42
CMD HEM C . -14.18 -9.67 -15.96
CAD HEM C . -14.03 -12.11 -17.95
CBD HEM C . -14.90 -11.88 -19.17
CGD HEM C . -15.95 -13.00 -19.29
O1D HEM C . -15.69 -14.22 -19.03
O2D HEM C . -17.06 -12.69 -19.79
NA HEM C . -9.13 -10.69 -19.65
NB HEM C . -7.41 -8.44 -19.09
NC HEM C . -9.45 -7.42 -17.35
ND HEM C . -11.04 -9.72 -18.02
FE HEM C . -9.31 -9.07 -18.57
C1 PEG D . -11.32 -14.44 -15.74
O1 PEG D . -11.30 -13.59 -14.59
C2 PEG D . -9.90 -14.93 -16.08
O2 PEG D . -9.10 -13.81 -16.51
C3 PEG D . -7.82 -14.24 -17.02
C4 PEG D . -6.96 -13.03 -17.38
O4 PEG D . -5.61 -13.43 -17.64
CHA HEM E . 7.58 12.24 12.05
CHB HEM E . 3.87 10.75 14.75
CHC HEM E . 5.78 6.29 14.86
CHD HEM E . 9.62 8.02 12.53
C1A HEM E . 6.41 12.17 12.75
C2A HEM E . 5.54 13.25 12.88
C3A HEM E . 4.49 12.82 13.64
C4A HEM E . 4.71 11.51 14.01
CMA HEM E . 3.22 13.58 14.11
CAA HEM E . 5.61 14.63 12.27
CBA HEM E . 6.30 15.68 13.19
CGA HEM E . 6.38 17.00 12.41
O1A HEM E . 5.72 17.15 11.40
O2A HEM E . 7.05 17.99 12.79
C1B HEM E . 4.07 9.40 15.05
C2B HEM E . 3.13 8.55 15.78
C3B HEM E . 3.65 7.31 15.83
C4B HEM E . 4.98 7.42 15.07
CMB HEM E . 1.86 8.99 16.42
CAB HEM E . 3.23 6.05 16.37
CBB HEM E . 1.96 5.81 16.78
C1C HEM E . 7.05 6.31 14.18
C2C HEM E . 7.95 5.28 14.02
C3C HEM E . 9.09 5.80 13.35
C4C HEM E . 8.81 7.15 13.18
CMC HEM E . 7.52 3.93 14.61
CAC HEM E . 10.49 5.40 12.85
CBC HEM E . 11.14 4.34 13.16
C1D HEM E . 9.32 9.33 12.27
C2D HEM E . 10.30 10.13 11.49
C3D HEM E . 9.72 11.33 11.31
C4D HEM E . 8.42 11.19 12.03
CMD HEM E . 11.67 9.79 11.00
CAD HEM E . 10.29 12.53 10.63
CBD HEM E . 9.68 12.69 9.23
CGD HEM E . 10.34 13.84 8.46
O1D HEM E . 10.82 14.90 8.98
O2D HEM E . 10.39 13.74 7.24
NA HEM E . 5.88 11.10 13.46
NB HEM E . 5.10 8.68 14.64
NC HEM E . 7.55 7.46 13.68
ND HEM E . 8.22 9.96 12.52
FE HEM E . 6.67 9.32 13.54
C1 PEG F . 10.07 13.00 14.89
O1 PEG F . 11.44 12.96 15.31
C2 PEG F . 9.20 13.59 15.99
O2 PEG F . 7.95 12.88 16.04
C3 PEG F . 7.00 13.61 16.82
C4 PEG F . 5.98 12.64 17.36
O4 PEG F . 5.50 13.13 18.61
C1 PGE G . 29.74 11.55 20.48
O1 PGE G . 28.62 11.24 21.33
C2 PGE G . 29.91 10.46 19.41
O2 PGE G . 28.71 10.19 18.66
C3 PGE G . 28.77 10.76 17.32
C4 PGE G . 27.44 10.80 16.54
O4 PGE G . 23.65 12.39 17.85
C6 PGE G . 24.87 11.73 17.47
C5 PGE G . 25.58 12.32 16.25
O3 PGE G . 26.99 12.15 16.33
#